data_3QBD
#
_entry.id   3QBD
#
_cell.length_a   142.829
_cell.length_b   142.829
_cell.length_c   37.175
_cell.angle_alpha   90.00
_cell.angle_beta   90.00
_cell.angle_gamma   90.00
#
_symmetry.space_group_name_H-M   'P 43'
#
loop_
_entity.id
_entity.type
_entity.pdbx_description
1 polymer '3-dehydroquinate synthase'
2 non-polymer NICOTINAMIDE-ADENINE-DINUCLEOTIDE
3 water water
#
_entity_poly.entity_id   1
_entity_poly.type   'polypeptide(L)'
_entity_poly.pdbx_seq_one_letter_code
;HHHHHHMTDIGAPVTVQVAVDPPYPVVIGTGLLDELEDLLADRHKVAVVHQPGLAETAEEIRKRLAGKGVDAHRIEIPDA
EAGKDLPVVGFIWEVLGRIGIGRKDALVSLGGGAATDVAGFAAATWLRGVSIVHLPTTLLGMVDAAVGGKTGINTDAGKN
LVGAFHQPLAVLVDLATLQTLPRDEMICGMAEVVKAGFIADPVILDLIEADPQAALDPAGDVLPELIRRAITVKAEVVAA
DEKESELREILNYGHTLGHAIERRERYRWRHGAAVSVGLVFAAELARLAGRLDDATAQRHRTILSSLGLPVSYDPDALPQ
LLEIMAGDKKTRAGVLRFVVLDGLAKPGRMVGPDPGLLVTAYAGVCAP
;
_entity_poly.pdbx_strand_id   A,B
#
# COMPACT_ATOMS: atom_id res chain seq x y z
N ALA A 12 15.43 -22.52 -21.49
CA ALA A 12 16.59 -21.59 -21.76
C ALA A 12 16.65 -20.38 -20.79
N PRO A 13 15.47 -19.76 -20.42
CA PRO A 13 15.44 -18.75 -19.34
C PRO A 13 15.87 -19.27 -17.96
N VAL A 14 16.58 -18.42 -17.23
CA VAL A 14 16.93 -18.62 -15.84
C VAL A 14 15.90 -17.92 -14.90
N THR A 15 15.65 -18.52 -13.76
CA THR A 15 14.68 -18.04 -12.80
C THR A 15 15.40 -17.84 -11.51
N VAL A 16 15.29 -16.66 -10.95
CA VAL A 16 15.72 -16.47 -9.56
C VAL A 16 14.42 -16.31 -8.76
N GLN A 17 14.25 -17.18 -7.76
CA GLN A 17 13.08 -17.10 -6.89
C GLN A 17 13.27 -16.08 -5.80
N VAL A 18 12.31 -15.22 -5.56
CA VAL A 18 12.39 -14.30 -4.45
C VAL A 18 11.56 -14.91 -3.36
N ALA A 19 12.22 -15.31 -2.30
CA ALA A 19 11.62 -16.07 -1.25
C ALA A 19 10.94 -15.28 -0.19
N VAL A 20 9.84 -14.69 -0.57
CA VAL A 20 9.13 -13.81 0.26
C VAL A 20 7.72 -14.34 0.25
N ASP A 21 6.83 -13.80 1.05
CA ASP A 21 5.47 -14.30 1.04
C ASP A 21 4.50 -13.26 0.56
N PRO A 22 3.79 -13.51 -0.52
CA PRO A 22 3.97 -14.65 -1.40
C PRO A 22 5.24 -14.59 -2.27
N PRO A 23 5.86 -15.72 -2.53
CA PRO A 23 7.10 -15.69 -3.34
C PRO A 23 6.84 -15.35 -4.82
N TYR A 24 7.82 -14.76 -5.50
CA TYR A 24 7.64 -14.60 -6.94
C TYR A 24 8.92 -14.89 -7.69
N PRO A 25 8.82 -15.19 -8.99
CA PRO A 25 10.03 -15.41 -9.74
C PRO A 25 10.52 -14.16 -10.49
N VAL A 26 11.85 -14.07 -10.66
CA VAL A 26 12.40 -13.16 -11.63
C VAL A 26 12.95 -14.09 -12.75
N VAL A 27 12.44 -13.92 -13.97
CA VAL A 27 12.84 -14.72 -15.09
C VAL A 27 13.71 -13.90 -16.01
N ILE A 28 14.88 -14.45 -16.36
CA ILE A 28 15.91 -13.75 -17.11
C ILE A 28 16.24 -14.54 -18.37
N GLY A 29 15.91 -13.98 -19.53
CA GLY A 29 16.21 -14.60 -20.78
C GLY A 29 16.00 -13.61 -21.93
N THR A 30 15.65 -14.15 -23.10
CA THR A 30 15.64 -13.38 -24.35
C THR A 30 14.33 -13.68 -25.09
N GLY A 31 13.55 -12.63 -25.38
CA GLY A 31 12.20 -12.75 -25.97
C GLY A 31 11.35 -13.47 -24.96
N LEU A 32 10.67 -12.76 -24.11
CA LEU A 32 9.90 -13.40 -23.10
C LEU A 32 8.39 -13.29 -23.26
N LEU A 33 7.94 -13.00 -24.45
CA LEU A 33 6.54 -12.84 -24.72
C LEU A 33 5.75 -14.09 -24.39
N ASP A 34 6.30 -15.26 -24.64
CA ASP A 34 5.61 -16.47 -24.29
C ASP A 34 5.40 -16.60 -22.79
N GLU A 35 6.40 -16.26 -22.02
CA GLU A 35 6.28 -16.31 -20.58
C GLU A 35 5.19 -15.35 -20.04
N LEU A 36 5.11 -14.15 -20.58
CA LEU A 36 4.07 -13.19 -20.25
C LEU A 36 2.64 -13.70 -20.50
N GLU A 37 2.43 -14.21 -21.70
CA GLU A 37 1.22 -14.95 -22.06
C GLU A 37 0.87 -16.07 -21.07
N ASP A 38 1.78 -17.02 -20.82
CA ASP A 38 1.54 -18.04 -19.74
C ASP A 38 1.02 -17.37 -18.45
N LEU A 39 1.65 -16.28 -18.03
CA LEU A 39 1.28 -15.63 -16.80
C LEU A 39 -0.12 -15.02 -16.82
N LEU A 40 -0.45 -14.30 -17.90
CA LEU A 40 -1.59 -13.39 -17.87
C LEU A 40 -2.78 -13.75 -18.79
N ALA A 41 -2.66 -14.85 -19.54
CA ALA A 41 -3.70 -15.30 -20.48
C ALA A 41 -5.10 -15.46 -19.88
N ASP A 42 -5.17 -15.76 -18.59
CA ASP A 42 -6.42 -16.10 -17.94
C ASP A 42 -7.05 -14.87 -17.33
N ARG A 43 -6.41 -13.71 -17.46
CA ARG A 43 -6.95 -12.50 -16.82
C ARG A 43 -7.95 -11.90 -17.76
N HIS A 44 -9.04 -11.40 -17.23
CA HIS A 44 -10.05 -10.70 -18.03
C HIS A 44 -9.53 -9.37 -18.56
N LYS A 45 -8.80 -8.60 -17.74
CA LYS A 45 -8.17 -7.35 -18.21
C LYS A 45 -6.71 -7.17 -17.73
N VAL A 46 -5.88 -6.67 -18.63
CA VAL A 46 -4.51 -6.30 -18.35
C VAL A 46 -4.30 -4.87 -18.88
N ALA A 47 -3.66 -4.02 -18.10
CA ALA A 47 -3.27 -2.69 -18.53
C ALA A 47 -1.73 -2.59 -18.48
N VAL A 48 -1.13 -2.18 -19.59
CA VAL A 48 0.32 -2.12 -19.77
C VAL A 48 0.73 -0.69 -19.69
N VAL A 49 1.42 -0.35 -18.59
CA VAL A 49 1.80 1.04 -18.36
C VAL A 49 3.19 1.16 -18.86
N HIS A 50 3.46 2.08 -19.80
CA HIS A 50 4.78 2.07 -20.44
C HIS A 50 5.36 3.45 -20.76
N GLN A 51 6.69 3.54 -20.86
CA GLN A 51 7.35 4.79 -21.22
C GLN A 51 7.25 5.10 -22.76
N PRO A 52 7.44 6.36 -23.17
CA PRO A 52 7.07 6.69 -24.53
C PRO A 52 7.73 5.89 -25.61
N GLY A 53 9.00 5.59 -25.47
CA GLY A 53 9.77 4.83 -26.43
C GLY A 53 9.46 3.37 -26.58
N LEU A 54 8.69 2.83 -25.69
CA LEU A 54 8.38 1.43 -25.77
C LEU A 54 7.02 1.16 -26.29
N ALA A 55 6.42 2.11 -26.96
CA ALA A 55 5.06 1.96 -27.43
C ALA A 55 4.81 0.81 -28.40
N GLU A 56 5.72 0.61 -29.33
CA GLU A 56 5.66 -0.52 -30.28
C GLU A 56 5.75 -1.87 -29.54
N THR A 57 6.54 -1.90 -28.46
CA THR A 57 6.65 -3.13 -27.66
C THR A 57 5.40 -3.31 -26.81
N ALA A 58 4.85 -2.20 -26.32
CA ALA A 58 3.61 -2.25 -25.57
C ALA A 58 2.53 -2.88 -26.45
N GLU A 59 2.56 -2.51 -27.73
CA GLU A 59 1.49 -2.92 -28.62
C GLU A 59 1.56 -4.43 -28.93
N GLU A 60 2.77 -4.94 -29.07
CA GLU A 60 2.95 -6.36 -29.26
C GLU A 60 2.41 -7.10 -28.06
N ILE A 61 2.79 -6.66 -26.86
CA ILE A 61 2.25 -7.30 -25.67
C ILE A 61 0.71 -7.26 -25.74
N ARG A 62 0.16 -6.06 -25.91
CA ARG A 62 -1.29 -5.88 -25.89
C ARG A 62 -1.96 -6.77 -26.93
N LYS A 63 -1.28 -6.91 -28.06
CA LYS A 63 -1.74 -7.66 -29.22
C LYS A 63 -1.75 -9.16 -28.91
N ARG A 64 -0.66 -9.69 -28.38
CA ARG A 64 -0.68 -11.11 -28.11
C ARG A 64 -1.59 -11.51 -26.97
N LEU A 65 -1.84 -10.57 -26.07
CA LEU A 65 -2.77 -10.81 -24.98
C LEU A 65 -4.21 -10.78 -25.44
N ALA A 66 -4.50 -9.96 -26.44
CA ALA A 66 -5.84 -9.90 -27.01
C ALA A 66 -6.16 -11.18 -27.80
N GLY A 67 -5.16 -11.71 -28.50
CA GLY A 67 -5.31 -12.96 -29.20
C GLY A 67 -5.60 -14.12 -28.26
N LYS A 68 -5.49 -13.88 -26.96
CA LYS A 68 -5.81 -14.91 -26.02
C LYS A 68 -7.13 -14.59 -25.29
N GLY A 69 -7.90 -13.64 -25.82
CA GLY A 69 -9.20 -13.28 -25.23
C GLY A 69 -9.16 -12.27 -24.08
N VAL A 70 -7.96 -11.93 -23.62
CA VAL A 70 -7.73 -10.81 -22.68
C VAL A 70 -8.15 -9.44 -23.28
N ASP A 71 -8.95 -8.72 -22.53
CA ASP A 71 -9.23 -7.35 -22.83
C ASP A 71 -8.01 -6.47 -22.44
N ALA A 72 -7.06 -6.32 -23.36
CA ALA A 72 -5.76 -5.70 -23.07
C ALA A 72 -5.73 -4.22 -23.43
N HIS A 73 -5.26 -3.36 -22.54
CA HIS A 73 -5.15 -1.94 -22.80
C HIS A 73 -3.73 -1.46 -22.62
N ARG A 74 -3.36 -0.33 -23.21
CA ARG A 74 -2.03 0.27 -22.97
C ARG A 74 -2.07 1.73 -22.62
N ILE A 75 -1.22 2.12 -21.68
CA ILE A 75 -1.27 3.44 -21.08
C ILE A 75 0.16 4.01 -21.13
N GLU A 76 0.34 5.06 -21.89
CA GLU A 76 1.64 5.65 -22.04
C GLU A 76 1.75 6.79 -21.03
N ILE A 77 2.83 6.76 -20.25
CA ILE A 77 3.09 7.76 -19.24
C ILE A 77 4.23 8.69 -19.73
N PRO A 78 4.41 9.83 -19.10
CA PRO A 78 5.54 10.65 -19.44
C PRO A 78 6.83 9.94 -19.07
N ASP A 79 7.87 10.29 -19.77
CA ASP A 79 9.15 9.65 -19.60
C ASP A 79 9.93 10.14 -18.42
N ALA A 80 10.71 9.24 -17.84
CA ALA A 80 11.62 9.52 -16.75
C ALA A 80 10.93 10.04 -15.53
N GLU A 81 11.49 11.01 -14.85
CA GLU A 81 10.96 11.43 -13.56
C GLU A 81 9.57 11.98 -13.69
N ALA A 82 9.28 12.64 -14.78
CA ALA A 82 8.00 13.23 -15.00
C ALA A 82 6.93 12.17 -14.93
N GLY A 83 7.25 10.96 -15.36
CA GLY A 83 6.31 9.85 -15.28
C GLY A 83 5.94 9.41 -13.86
N LYS A 84 6.77 9.80 -12.88
CA LYS A 84 6.59 9.43 -11.49
C LYS A 84 5.91 10.46 -10.61
N ASP A 85 5.41 11.52 -11.22
CA ASP A 85 4.81 12.58 -10.46
C ASP A 85 3.38 12.24 -9.99
N LEU A 86 2.99 12.67 -8.79
CA LEU A 86 1.63 12.50 -8.36
C LEU A 86 0.57 12.62 -9.49
N PRO A 87 0.57 13.74 -10.24
CA PRO A 87 -0.47 13.82 -11.29
C PRO A 87 -0.53 12.61 -12.22
N VAL A 88 0.62 12.03 -12.55
CA VAL A 88 0.62 10.89 -13.48
C VAL A 88 -0.09 9.71 -12.83
N VAL A 89 0.15 9.56 -11.53
CA VAL A 89 -0.62 8.65 -10.71
C VAL A 89 -2.14 8.87 -10.84
N GLY A 90 -2.63 10.11 -10.62
CA GLY A 90 -4.09 10.39 -10.68
C GLY A 90 -4.62 9.99 -12.04
N PHE A 91 -3.83 10.24 -13.06
CA PHE A 91 -4.20 9.88 -14.40
C PHE A 91 -4.35 8.33 -14.55
N ILE A 92 -3.39 7.59 -14.01
CA ILE A 92 -3.43 6.15 -14.19
C ILE A 92 -4.71 5.56 -13.54
N TRP A 93 -4.95 5.99 -12.30
CA TRP A 93 -6.13 5.61 -11.56
C TRP A 93 -7.39 5.89 -12.44
N GLU A 94 -7.53 7.12 -12.95
CA GLU A 94 -8.61 7.49 -13.89
C GLU A 94 -8.76 6.48 -15.01
N VAL A 95 -7.65 6.10 -15.62
CA VAL A 95 -7.71 5.16 -16.75
C VAL A 95 -8.09 3.75 -16.29
N LEU A 96 -7.67 3.39 -15.07
CA LEU A 96 -7.99 2.07 -14.56
C LEU A 96 -9.50 1.99 -14.31
N GLY A 97 -10.03 3.11 -13.81
CA GLY A 97 -11.45 3.24 -13.49
C GLY A 97 -12.24 3.16 -14.80
N ARG A 98 -11.75 3.83 -15.84
CA ARG A 98 -12.41 3.92 -17.15
C ARG A 98 -12.42 2.54 -17.80
N ILE A 99 -11.29 1.84 -17.73
CA ILE A 99 -11.13 0.54 -18.36
C ILE A 99 -11.96 -0.52 -17.67
N GLY A 100 -12.22 -0.29 -16.38
CA GLY A 100 -12.86 -1.28 -15.51
C GLY A 100 -11.94 -2.35 -14.93
N ILE A 101 -10.72 -1.97 -14.50
CA ILE A 101 -9.73 -2.92 -14.01
C ILE A 101 -10.17 -3.34 -12.62
N GLY A 102 -10.42 -4.63 -12.41
CA GLY A 102 -10.94 -5.13 -11.14
C GLY A 102 -9.89 -5.81 -10.27
N ARG A 103 -10.36 -6.25 -9.17
CA ARG A 103 -9.56 -6.85 -8.15
C ARG A 103 -8.69 -7.99 -8.68
N LYS A 104 -9.20 -8.71 -9.72
CA LYS A 104 -8.47 -9.88 -10.27
C LYS A 104 -7.74 -9.61 -11.56
N ASP A 105 -7.75 -8.40 -11.96
CA ASP A 105 -7.04 -8.05 -13.17
C ASP A 105 -5.56 -7.76 -12.89
N ALA A 106 -4.84 -7.19 -13.83
CA ALA A 106 -3.41 -7.13 -13.67
C ALA A 106 -2.87 -5.93 -14.43
N LEU A 107 -1.76 -5.41 -13.94
CA LEU A 107 -1.02 -4.35 -14.64
C LEU A 107 0.28 -4.94 -15.12
N VAL A 108 0.83 -4.36 -16.18
CA VAL A 108 2.18 -4.66 -16.59
C VAL A 108 2.93 -3.33 -16.70
N SER A 109 4.19 -3.31 -16.25
CA SER A 109 5.01 -2.10 -16.28
C SER A 109 6.05 -2.34 -17.34
N LEU A 110 6.35 -1.32 -18.15
CA LEU A 110 7.35 -1.52 -19.19
C LEU A 110 8.11 -0.25 -19.35
N GLY A 111 9.41 -0.33 -19.03
CA GLY A 111 10.30 0.81 -19.01
C GLY A 111 11.37 0.71 -17.93
N GLY A 112 11.99 1.85 -17.62
CA GLY A 112 12.97 1.90 -16.54
C GLY A 112 12.38 2.08 -15.16
N GLY A 113 13.26 2.20 -14.18
CA GLY A 113 12.81 2.20 -12.80
C GLY A 113 11.67 3.17 -12.51
N ALA A 114 11.57 4.23 -13.30
CA ALA A 114 10.48 5.21 -13.14
C ALA A 114 9.14 4.62 -13.50
N ALA A 115 9.09 3.84 -14.57
CA ALA A 115 7.87 3.12 -14.92
C ALA A 115 7.48 2.05 -13.90
N THR A 116 8.46 1.34 -13.35
CA THR A 116 8.12 0.26 -12.50
C THR A 116 7.61 0.86 -11.20
N ASP A 117 8.21 1.97 -10.77
CA ASP A 117 7.75 2.60 -9.54
C ASP A 117 6.34 3.10 -9.71
N VAL A 118 6.09 3.93 -10.74
CA VAL A 118 4.82 4.62 -10.78
C VAL A 118 3.77 3.53 -11.02
N ALA A 119 4.05 2.58 -11.92
CA ALA A 119 3.08 1.55 -12.17
C ALA A 119 2.92 0.62 -10.95
N GLY A 120 4.00 0.41 -10.20
CA GLY A 120 3.91 -0.26 -8.91
C GLY A 120 3.04 0.42 -7.87
N PHE A 121 3.20 1.72 -7.74
CA PHE A 121 2.42 2.43 -6.77
C PHE A 121 0.94 2.35 -7.11
N ALA A 122 0.67 2.34 -8.42
CA ALA A 122 -0.67 2.37 -8.91
C ALA A 122 -1.32 1.02 -8.62
N ALA A 123 -0.62 -0.07 -8.90
CA ALA A 123 -1.15 -1.40 -8.64
C ALA A 123 -1.37 -1.56 -7.15
N ALA A 124 -0.47 -1.02 -6.35
CA ALA A 124 -0.56 -1.22 -4.89
C ALA A 124 -1.71 -0.46 -4.28
N THR A 125 -2.13 0.65 -4.91
CA THR A 125 -3.17 1.51 -4.38
C THR A 125 -4.48 1.44 -5.21
N TRP A 126 -4.63 0.42 -6.02
CA TRP A 126 -5.86 0.29 -6.79
C TRP A 126 -6.71 -0.87 -6.20
N LEU A 127 -7.94 -0.57 -5.77
CA LEU A 127 -8.80 -1.61 -5.19
C LEU A 127 -8.05 -2.44 -4.16
N ARG A 128 -7.18 -1.76 -3.40
CA ARG A 128 -6.46 -2.43 -2.33
C ARG A 128 -5.35 -3.33 -2.80
N GLY A 129 -4.82 -3.08 -3.97
CA GLY A 129 -3.71 -3.90 -4.44
C GLY A 129 -4.15 -5.01 -5.35
N VAL A 130 -3.75 -4.88 -6.63
CA VAL A 130 -3.96 -5.85 -7.69
C VAL A 130 -2.63 -6.32 -8.25
N SER A 131 -2.67 -7.36 -9.07
CA SER A 131 -1.47 -8.02 -9.55
C SER A 131 -0.73 -7.13 -10.52
N ILE A 132 0.59 -7.11 -10.40
CA ILE A 132 1.49 -6.43 -11.39
C ILE A 132 2.69 -7.28 -11.78
N VAL A 133 3.03 -7.27 -13.07
CA VAL A 133 4.21 -7.92 -13.58
C VAL A 133 5.12 -6.83 -14.10
N HIS A 134 6.37 -6.83 -13.64
CA HIS A 134 7.36 -5.87 -14.10
C HIS A 134 8.17 -6.41 -15.29
N LEU A 135 8.30 -5.53 -16.24
CA LEU A 135 9.07 -5.69 -17.44
C LEU A 135 10.13 -4.57 -17.47
N PRO A 136 11.14 -4.65 -16.61
CA PRO A 136 12.11 -3.55 -16.63
C PRO A 136 12.95 -3.51 -17.91
N THR A 137 13.26 -2.32 -18.41
CA THR A 137 14.01 -2.23 -19.67
C THR A 137 15.32 -1.40 -19.59
N THR A 138 15.73 -1.08 -18.37
CA THR A 138 17.08 -0.56 -18.12
C THR A 138 17.83 -1.50 -17.15
N LEU A 139 19.15 -1.33 -17.12
CA LEU A 139 20.00 -2.11 -16.24
C LEU A 139 19.56 -1.85 -14.83
N LEU A 140 19.36 -0.58 -14.52
CA LEU A 140 19.04 -0.21 -13.15
C LEU A 140 17.68 -0.80 -12.79
N GLY A 141 16.72 -0.70 -13.70
CA GLY A 141 15.40 -1.23 -13.44
C GLY A 141 15.48 -2.74 -13.26
N MET A 142 16.30 -3.42 -14.04
CA MET A 142 16.37 -4.88 -13.97
C MET A 142 16.99 -5.36 -12.70
N VAL A 143 17.99 -4.69 -12.23
CA VAL A 143 18.65 -5.16 -11.09
C VAL A 143 18.16 -4.61 -9.83
N ASP A 144 17.57 -3.46 -9.84
CA ASP A 144 17.23 -2.84 -8.59
C ASP A 144 15.75 -2.55 -8.48
N ALA A 145 15.27 -1.69 -9.32
CA ALA A 145 13.97 -1.16 -9.18
C ALA A 145 12.85 -2.16 -9.20
N ALA A 146 12.95 -3.15 -10.08
CA ALA A 146 11.87 -4.11 -10.32
C ALA A 146 11.78 -5.19 -9.25
N VAL A 147 12.85 -5.37 -8.50
CA VAL A 147 12.93 -6.46 -7.55
C VAL A 147 12.77 -5.87 -6.13
N GLY A 148 11.85 -6.42 -5.35
CA GLY A 148 11.71 -5.97 -3.99
C GLY A 148 10.39 -5.39 -3.53
N GLY A 149 9.46 -5.05 -4.39
CA GLY A 149 8.21 -4.56 -3.72
C GLY A 149 8.17 -3.14 -3.11
N LYS A 150 9.28 -2.40 -3.05
CA LYS A 150 9.21 -0.99 -2.66
C LYS A 150 8.81 -0.15 -3.85
N THR A 151 7.89 0.77 -3.67
CA THR A 151 7.55 1.66 -4.77
C THR A 151 7.83 3.03 -4.17
N GLY A 152 8.05 4.03 -5.04
CA GLY A 152 8.24 5.42 -4.65
C GLY A 152 7.65 6.33 -5.70
N ILE A 153 7.13 7.49 -5.29
CA ILE A 153 6.69 8.50 -6.29
C ILE A 153 7.09 9.91 -5.88
N ASN A 154 7.09 10.84 -6.82
CA ASN A 154 7.45 12.19 -6.41
C ASN A 154 6.21 12.99 -6.07
N THR A 155 6.25 13.64 -4.90
CA THR A 155 5.17 14.50 -4.49
C THR A 155 5.79 15.78 -4.02
N ASP A 156 4.91 16.72 -3.68
CA ASP A 156 5.28 17.92 -2.93
C ASP A 156 6.19 17.59 -1.73
N ALA A 157 5.95 16.48 -1.03
CA ALA A 157 6.82 16.11 0.10
C ALA A 157 8.29 15.81 -0.27
N GLY A 158 8.59 15.78 -1.57
CA GLY A 158 9.91 15.36 -2.05
C GLY A 158 9.87 14.00 -2.75
N LYS A 159 11.02 13.57 -3.24
CA LYS A 159 11.12 12.41 -4.08
C LYS A 159 11.10 11.12 -3.27
N ASN A 160 10.20 10.22 -3.58
CA ASN A 160 10.18 8.90 -2.99
C ASN A 160 9.94 8.77 -1.52
N LEU A 161 9.48 9.81 -0.89
CA LEU A 161 9.06 9.72 0.46
C LEU A 161 7.73 8.96 0.52
N VAL A 162 6.85 9.25 -0.42
CA VAL A 162 5.61 8.57 -0.58
C VAL A 162 5.84 7.35 -1.45
N GLY A 163 5.27 6.22 -1.04
CA GLY A 163 5.35 4.97 -1.77
C GLY A 163 4.69 3.87 -0.97
N ALA A 164 4.24 2.84 -1.67
CA ALA A 164 3.62 1.68 -1.02
C ALA A 164 4.55 0.47 -1.03
N PHE A 165 4.22 -0.56 -0.28
CA PHE A 165 4.95 -1.79 -0.34
C PHE A 165 4.06 -2.88 -0.90
N HIS A 166 4.45 -3.46 -2.00
CA HIS A 166 3.60 -4.37 -2.72
C HIS A 166 4.38 -5.34 -3.57
N GLN A 167 4.39 -6.62 -3.29
CA GLN A 167 5.09 -7.55 -4.17
C GLN A 167 4.45 -7.71 -5.53
N PRO A 168 5.25 -7.86 -6.58
CA PRO A 168 4.74 -8.15 -7.94
C PRO A 168 4.44 -9.63 -8.11
N LEU A 169 3.66 -9.98 -9.13
CA LEU A 169 3.35 -11.39 -9.46
C LEU A 169 4.57 -12.10 -10.02
N ALA A 170 5.29 -11.36 -10.88
CA ALA A 170 6.53 -11.85 -11.46
C ALA A 170 7.36 -10.69 -12.03
N VAL A 171 8.62 -10.98 -12.33
CA VAL A 171 9.48 -10.04 -12.97
C VAL A 171 10.08 -10.68 -14.16
N LEU A 172 9.95 -10.01 -15.31
CA LEU A 172 10.45 -10.55 -16.55
C LEU A 172 11.57 -9.67 -17.04
N VAL A 173 12.77 -10.25 -17.13
CA VAL A 173 13.98 -9.51 -17.45
C VAL A 173 14.46 -9.97 -18.80
N ASP A 174 14.03 -9.23 -19.82
CA ASP A 174 14.24 -9.62 -21.19
C ASP A 174 15.42 -8.83 -21.75
N LEU A 175 16.50 -9.55 -21.99
CA LEU A 175 17.76 -8.94 -22.35
C LEU A 175 17.73 -8.29 -23.69
N ALA A 176 16.82 -8.76 -24.53
CA ALA A 176 16.63 -8.22 -25.87
C ALA A 176 16.36 -6.73 -25.75
N THR A 177 15.63 -6.31 -24.73
CA THR A 177 15.35 -4.87 -24.59
C THR A 177 16.56 -3.97 -24.35
N LEU A 178 17.65 -4.53 -23.83
CA LEU A 178 18.88 -3.74 -23.59
C LEU A 178 19.63 -3.26 -24.87
N GLN A 179 19.31 -3.90 -26.01
CA GLN A 179 19.90 -3.60 -27.33
C GLN A 179 19.80 -2.13 -27.69
N THR A 180 18.74 -1.47 -27.23
CA THR A 180 18.59 -0.07 -27.56
C THR A 180 19.04 0.86 -26.43
N LEU A 181 19.56 0.30 -25.34
CA LEU A 181 19.87 1.16 -24.21
C LEU A 181 21.23 1.83 -24.44
N PRO A 182 21.33 3.15 -24.26
CA PRO A 182 22.62 3.85 -24.50
C PRO A 182 23.72 3.46 -23.50
N ARG A 183 25.00 3.70 -23.82
CA ARG A 183 26.07 3.39 -22.88
C ARG A 183 25.87 4.12 -21.56
N ASP A 184 25.42 5.36 -21.64
CA ASP A 184 25.37 6.20 -20.43
C ASP A 184 24.36 5.69 -19.40
N GLU A 185 23.24 5.15 -19.86
CA GLU A 185 22.28 4.49 -18.96
C GLU A 185 22.81 3.14 -18.48
N MET A 186 23.47 2.40 -19.36
CA MET A 186 24.02 1.13 -19.03
C MET A 186 25.07 1.25 -17.92
N ILE A 187 25.88 2.30 -17.98
CA ILE A 187 26.96 2.51 -17.01
C ILE A 187 26.35 2.98 -15.72
N CYS A 188 25.23 3.68 -15.84
CA CYS A 188 24.50 4.14 -14.68
C CYS A 188 24.04 2.96 -13.89
N GLY A 189 23.44 1.96 -14.54
CA GLY A 189 22.97 0.76 -13.85
C GLY A 189 24.11 -0.06 -13.31
N MET A 190 25.29 0.05 -13.89
CA MET A 190 26.37 -0.87 -13.52
C MET A 190 26.93 -0.54 -12.12
N ALA A 191 26.71 0.67 -11.64
CA ALA A 191 27.19 1.04 -10.35
C ALA A 191 26.47 0.19 -9.28
N GLU A 192 25.21 -0.11 -9.45
CA GLU A 192 24.48 -1.00 -8.58
C GLU A 192 24.98 -2.42 -8.66
N VAL A 193 25.32 -2.86 -9.85
CA VAL A 193 25.88 -4.18 -10.07
C VAL A 193 27.18 -4.30 -9.27
N VAL A 194 28.12 -3.38 -9.51
CA VAL A 194 29.34 -3.24 -8.73
C VAL A 194 29.03 -3.12 -7.22
N LYS A 195 27.97 -2.39 -6.84
CA LYS A 195 27.68 -2.30 -5.39
C LYS A 195 27.48 -3.71 -4.84
N ALA A 196 26.68 -4.50 -5.58
CA ALA A 196 26.34 -5.84 -5.20
C ALA A 196 27.58 -6.69 -5.16
N GLY A 197 28.58 -6.42 -5.99
CA GLY A 197 29.79 -7.21 -5.93
C GLY A 197 30.53 -7.00 -4.63
N PHE A 198 30.64 -5.77 -4.18
CA PHE A 198 31.38 -5.46 -3.01
C PHE A 198 30.72 -5.94 -1.72
N ILE A 199 29.42 -5.96 -1.66
CA ILE A 199 28.73 -6.33 -0.46
C ILE A 199 28.38 -7.79 -0.28
N ALA A 200 28.18 -8.51 -1.36
CA ALA A 200 27.70 -9.86 -1.31
C ALA A 200 28.40 -10.87 -2.18
N ASP A 201 28.65 -10.54 -3.44
CA ASP A 201 29.19 -11.42 -4.45
C ASP A 201 30.34 -10.90 -5.31
N PRO A 202 31.54 -11.13 -4.83
CA PRO A 202 32.82 -10.81 -5.47
C PRO A 202 33.02 -11.35 -6.90
N VAL A 203 32.37 -12.46 -7.28
CA VAL A 203 32.50 -12.96 -8.66
C VAL A 203 32.09 -11.93 -9.73
N ILE A 204 31.01 -11.21 -9.46
CA ILE A 204 30.66 -9.98 -10.15
C ILE A 204 31.85 -9.02 -10.47
N LEU A 205 32.66 -8.73 -9.47
CA LEU A 205 33.85 -7.90 -9.68
C LEU A 205 34.85 -8.61 -10.57
N ASP A 206 35.06 -9.93 -10.32
CA ASP A 206 35.99 -10.74 -11.15
C ASP A 206 35.53 -10.68 -12.62
N LEU A 207 34.23 -10.79 -12.83
CA LEU A 207 33.78 -10.83 -14.19
C LEU A 207 33.97 -9.50 -14.86
N ILE A 208 33.72 -8.41 -14.14
CA ILE A 208 33.86 -7.10 -14.75
C ILE A 208 35.36 -6.82 -15.07
N GLU A 209 36.22 -7.01 -14.07
CA GLU A 209 37.66 -6.80 -14.24
C GLU A 209 38.22 -7.63 -15.38
N ALA A 210 37.68 -8.80 -15.70
CA ALA A 210 38.23 -9.57 -16.78
C ALA A 210 38.20 -8.87 -18.14
N ASP A 211 37.13 -8.18 -18.52
CA ASP A 211 37.03 -7.26 -19.66
C ASP A 211 35.92 -6.24 -19.45
N PRO A 212 36.22 -5.08 -18.85
CA PRO A 212 35.16 -4.16 -18.49
C PRO A 212 34.25 -3.80 -19.62
N GLN A 213 34.75 -3.66 -20.83
CA GLN A 213 33.89 -3.47 -22.00
C GLN A 213 33.02 -4.68 -22.31
N ALA A 214 33.47 -5.91 -22.04
CA ALA A 214 32.56 -7.03 -22.33
C ALA A 214 31.37 -6.92 -21.42
N ALA A 215 31.61 -6.38 -20.23
CA ALA A 215 30.61 -6.27 -19.20
C ALA A 215 29.45 -5.39 -19.66
N LEU A 216 29.78 -4.43 -20.51
CA LEU A 216 28.82 -3.44 -20.92
C LEU A 216 28.06 -3.79 -22.17
N ASP A 217 28.27 -4.98 -22.72
CA ASP A 217 27.67 -5.35 -23.98
C ASP A 217 26.45 -6.25 -23.77
N PRO A 218 25.28 -5.82 -24.23
CA PRO A 218 24.09 -6.68 -24.06
C PRO A 218 24.12 -7.94 -24.93
N ALA A 219 24.95 -7.88 -25.97
CA ALA A 219 25.14 -9.00 -26.92
C ALA A 219 25.98 -10.15 -26.33
N GLY A 220 27.05 -9.79 -25.60
CA GLY A 220 27.97 -10.79 -24.97
C GLY A 220 27.34 -11.69 -23.93
N ASP A 221 28.16 -12.56 -23.33
CA ASP A 221 27.75 -13.56 -22.34
C ASP A 221 27.99 -13.13 -20.91
N VAL A 222 28.75 -12.04 -20.76
CA VAL A 222 29.09 -11.54 -19.45
C VAL A 222 27.89 -10.84 -18.79
N LEU A 223 27.28 -9.89 -19.49
CA LEU A 223 26.19 -9.09 -18.87
C LEU A 223 25.07 -9.94 -18.29
N PRO A 224 24.67 -11.03 -18.99
CA PRO A 224 23.54 -11.80 -18.41
C PRO A 224 23.91 -12.48 -17.09
N GLU A 225 25.13 -12.95 -16.95
CA GLU A 225 25.54 -13.45 -15.66
C GLU A 225 25.62 -12.33 -14.60
N LEU A 226 26.10 -11.14 -14.96
CA LEU A 226 26.15 -10.04 -13.96
C LEU A 226 24.77 -9.67 -13.46
N ILE A 227 23.80 -9.70 -14.37
CA ILE A 227 22.41 -9.40 -14.06
C ILE A 227 21.83 -10.45 -13.13
N ARG A 228 21.99 -11.71 -13.50
CA ARG A 228 21.60 -12.81 -12.62
C ARG A 228 22.22 -12.67 -11.23
N ARG A 229 23.51 -12.40 -11.13
CA ARG A 229 24.10 -12.43 -9.79
C ARG A 229 23.70 -11.22 -8.99
N ALA A 230 23.48 -10.11 -9.66
CA ALA A 230 23.13 -8.90 -8.96
C ALA A 230 21.71 -9.01 -8.39
N ILE A 231 20.84 -9.64 -9.18
CA ILE A 231 19.47 -9.91 -8.81
C ILE A 231 19.45 -10.96 -7.67
N THR A 232 20.26 -12.01 -7.80
CA THR A 232 20.38 -12.96 -6.68
C THR A 232 20.73 -12.22 -5.35
N VAL A 233 21.71 -11.33 -5.42
CA VAL A 233 22.14 -10.65 -4.22
C VAL A 233 20.95 -9.96 -3.66
N LYS A 234 20.19 -9.28 -4.49
CA LYS A 234 19.13 -8.44 -3.97
C LYS A 234 17.96 -9.30 -3.46
N ALA A 235 17.57 -10.31 -4.23
CA ALA A 235 16.58 -11.29 -3.77
C ALA A 235 16.96 -11.89 -2.39
N GLU A 236 18.23 -12.19 -2.17
CA GLU A 236 18.57 -12.84 -0.91
C GLU A 236 18.47 -11.88 0.22
N VAL A 237 18.83 -10.64 0.02
CA VAL A 237 18.67 -9.63 1.03
C VAL A 237 17.24 -9.31 1.39
N VAL A 238 16.38 -9.18 0.40
CA VAL A 238 15.00 -8.87 0.66
C VAL A 238 14.23 -10.00 1.27
N ALA A 239 14.72 -11.21 1.13
CA ALA A 239 14.03 -12.33 1.65
C ALA A 239 14.40 -12.47 3.12
N ALA A 240 15.14 -11.50 3.61
CA ALA A 240 15.56 -11.48 5.03
C ALA A 240 15.29 -10.12 5.72
N GLU A 246 17.80 -6.35 10.08
CA GLU A 246 18.13 -5.02 9.46
C GLU A 246 19.24 -5.07 8.40
N LEU A 247 19.29 -6.24 7.76
CA LEU A 247 20.15 -6.51 6.64
C LEU A 247 19.86 -5.59 5.42
N ARG A 248 18.58 -5.30 5.14
CA ARG A 248 18.24 -4.46 3.98
C ARG A 248 19.17 -3.24 3.82
N GLU A 249 19.73 -2.75 4.92
CA GLU A 249 20.65 -1.63 4.85
C GLU A 249 21.87 -1.78 3.92
N ILE A 250 22.40 -3.00 3.73
CA ILE A 250 23.62 -3.10 2.92
C ILE A 250 23.43 -2.68 1.45
N LEU A 251 22.18 -2.67 1.01
CA LEU A 251 21.83 -2.22 -0.28
C LEU A 251 22.00 -0.73 -0.41
N ASN A 252 22.19 -0.02 0.69
CA ASN A 252 22.51 1.40 0.67
C ASN A 252 24.03 1.70 0.69
N TYR A 253 24.86 0.66 0.67
CA TYR A 253 26.29 0.89 0.51
C TYR A 253 26.54 1.93 -0.62
N GLY A 254 27.18 3.04 -0.29
CA GLY A 254 27.55 4.03 -1.27
C GLY A 254 26.44 5.04 -1.53
N HIS A 255 25.23 4.74 -1.01
CA HIS A 255 24.06 5.63 -1.20
C HIS A 255 24.02 6.78 -0.14
N THR A 256 24.82 6.71 0.94
CA THR A 256 24.76 7.78 1.96
C THR A 256 25.40 9.08 1.42
N LEU A 257 26.64 9.02 0.95
CA LEU A 257 27.16 10.19 0.30
C LEU A 257 26.49 10.35 -1.06
N GLY A 258 26.28 9.24 -1.74
CA GLY A 258 25.73 9.27 -3.08
C GLY A 258 24.40 10.00 -3.19
N HIS A 259 23.47 9.68 -2.30
CA HIS A 259 22.17 10.34 -2.29
C HIS A 259 22.35 11.85 -2.03
N ALA A 260 23.33 12.24 -1.22
CA ALA A 260 23.55 13.68 -1.02
C ALA A 260 24.06 14.36 -2.27
N ILE A 261 24.97 13.71 -2.98
CA ILE A 261 25.51 14.30 -4.21
C ILE A 261 24.40 14.44 -5.22
N GLU A 262 23.60 13.40 -5.40
CA GLU A 262 22.42 13.47 -6.27
C GLU A 262 21.57 14.69 -5.96
N ARG A 263 21.25 14.88 -4.67
CA ARG A 263 20.30 15.88 -4.23
C ARG A 263 20.89 17.28 -4.37
N ARG A 264 22.20 17.42 -4.16
CA ARG A 264 22.88 18.71 -4.34
C ARG A 264 22.92 19.13 -5.82
N GLU A 265 22.95 18.13 -6.70
CA GLU A 265 22.99 18.37 -8.10
C GLU A 265 21.57 18.54 -8.66
N ARG A 266 20.60 18.78 -7.79
CA ARG A 266 19.21 18.89 -8.21
C ARG A 266 18.95 17.81 -9.29
N TYR A 267 19.60 16.66 -9.08
CA TYR A 267 19.40 15.47 -9.92
C TYR A 267 19.85 15.58 -11.35
N ARG A 268 20.69 16.59 -11.66
CA ARG A 268 21.41 16.60 -12.95
C ARG A 268 22.61 15.61 -13.03
N TRP A 269 23.12 15.11 -11.90
CA TRP A 269 24.03 13.96 -11.94
C TRP A 269 23.16 12.71 -12.13
N ARG A 270 23.64 11.77 -12.93
CA ARG A 270 23.07 10.40 -12.97
C ARG A 270 23.15 9.70 -11.60
N HIS A 271 22.18 8.84 -11.27
CA HIS A 271 22.17 8.17 -9.98
C HIS A 271 23.44 7.34 -9.84
N GLY A 272 23.83 6.64 -10.89
CA GLY A 272 24.99 5.76 -10.86
C GLY A 272 26.33 6.46 -10.63
N ALA A 273 26.46 7.63 -11.22
CA ALA A 273 27.68 8.42 -11.07
C ALA A 273 27.77 8.93 -9.62
N ALA A 274 26.65 9.35 -9.03
CA ALA A 274 26.60 9.65 -7.60
C ALA A 274 26.90 8.45 -6.70
N VAL A 275 26.35 7.27 -7.00
CA VAL A 275 26.59 6.10 -6.16
C VAL A 275 28.03 5.72 -6.27
N SER A 276 28.58 5.82 -7.48
CA SER A 276 29.97 5.49 -7.68
C SER A 276 30.84 6.36 -6.78
N VAL A 277 30.58 7.67 -6.72
CA VAL A 277 31.40 8.51 -5.82
C VAL A 277 31.19 8.06 -4.38
N GLY A 278 29.92 7.82 -3.98
CA GLY A 278 29.64 7.30 -2.65
C GLY A 278 30.36 5.97 -2.28
N LEU A 279 30.47 5.04 -3.20
CA LEU A 279 31.15 3.78 -2.89
C LEU A 279 32.63 4.05 -2.60
N VAL A 280 33.23 4.94 -3.38
CA VAL A 280 34.63 5.28 -3.23
C VAL A 280 34.83 6.02 -1.90
N PHE A 281 33.89 6.87 -1.54
CA PHE A 281 33.95 7.49 -0.23
C PHE A 281 33.85 6.47 0.94
N ALA A 282 32.87 5.57 0.90
CA ALA A 282 32.68 4.63 1.96
C ALA A 282 33.92 3.70 1.97
N ALA A 283 34.53 3.49 0.83
CA ALA A 283 35.69 2.59 0.82
C ALA A 283 36.81 3.24 1.64
N GLU A 284 36.98 4.56 1.43
CA GLU A 284 38.06 5.32 2.02
C GLU A 284 37.82 5.53 3.50
N LEU A 285 36.57 5.77 3.84
CA LEU A 285 36.16 5.86 5.20
C LEU A 285 36.48 4.53 5.97
N ALA A 286 36.12 3.36 5.41
CA ALA A 286 36.40 2.10 6.11
C ALA A 286 37.93 1.89 6.15
N ARG A 287 38.65 2.35 5.11
CA ARG A 287 40.11 2.20 5.09
C ARG A 287 40.78 2.98 6.21
N LEU A 288 40.57 4.31 6.27
CA LEU A 288 41.08 5.11 7.35
C LEU A 288 40.67 4.57 8.75
N ALA A 289 39.51 3.92 8.84
CA ALA A 289 39.05 3.36 10.12
C ALA A 289 39.75 2.02 10.51
N GLY A 290 40.59 1.50 9.62
CA GLY A 290 41.28 0.24 9.83
C GLY A 290 40.46 -1.02 9.60
N ARG A 291 39.27 -0.83 9.04
CA ARG A 291 38.33 -1.93 8.88
C ARG A 291 38.49 -2.60 7.55
N LEU A 292 39.04 -1.90 6.56
CA LEU A 292 39.18 -2.42 5.21
C LEU A 292 40.60 -2.33 4.66
N ASP A 293 41.06 -3.43 4.07
CA ASP A 293 42.46 -3.49 3.58
C ASP A 293 42.60 -2.51 2.42
N ASP A 294 43.71 -1.80 2.41
CA ASP A 294 44.11 -0.96 1.27
C ASP A 294 43.76 -1.44 -0.12
N ALA A 295 43.90 -2.72 -0.41
CA ALA A 295 43.68 -3.27 -1.77
C ALA A 295 42.22 -3.32 -2.15
N THR A 296 41.37 -3.74 -1.22
CA THR A 296 39.94 -3.78 -1.48
C THR A 296 39.42 -2.35 -1.54
N ALA A 297 39.93 -1.46 -0.69
CA ALA A 297 39.55 -0.05 -0.79
C ALA A 297 39.84 0.51 -2.21
N GLN A 298 41.07 0.34 -2.71
CA GLN A 298 41.46 0.92 -3.99
C GLN A 298 40.80 0.24 -5.19
N ARG A 299 40.38 -1.02 -5.00
CA ARG A 299 39.60 -1.76 -5.98
C ARG A 299 38.21 -1.07 -6.32
N HIS A 300 37.67 -0.30 -5.41
CA HIS A 300 36.49 0.47 -5.71
C HIS A 300 36.75 1.44 -6.84
N ARG A 301 37.71 2.32 -6.69
CA ARG A 301 37.97 3.28 -7.70
C ARG A 301 38.46 2.72 -9.00
N THR A 302 39.21 1.64 -8.99
CA THR A 302 39.64 1.02 -10.22
C THR A 302 38.53 0.38 -11.04
N ILE A 303 37.61 -0.30 -10.41
CA ILE A 303 36.49 -0.84 -11.14
C ILE A 303 35.53 0.19 -11.60
N LEU A 304 35.19 1.11 -10.74
CA LEU A 304 34.29 2.20 -11.13
C LEU A 304 34.86 3.05 -12.30
N SER A 305 36.08 3.56 -12.15
CA SER A 305 36.72 4.35 -13.19
C SER A 305 36.90 3.57 -14.48
N SER A 306 37.26 2.28 -14.38
CA SER A 306 37.39 1.51 -15.58
C SER A 306 36.02 1.39 -16.32
N LEU A 307 34.93 1.43 -15.59
CA LEU A 307 33.67 1.39 -16.28
C LEU A 307 33.22 2.75 -16.79
N GLY A 308 33.98 3.84 -16.56
CA GLY A 308 33.53 5.15 -17.04
C GLY A 308 32.77 5.98 -15.99
N LEU A 309 32.74 5.54 -14.75
CA LEU A 309 32.09 6.23 -13.65
C LEU A 309 32.99 7.22 -12.93
N PRO A 310 32.45 8.34 -12.47
CA PRO A 310 33.19 9.29 -11.68
C PRO A 310 33.62 8.75 -10.34
N VAL A 311 34.77 9.17 -9.94
CA VAL A 311 35.45 8.64 -8.82
C VAL A 311 35.77 9.72 -7.77
N SER A 312 35.39 10.94 -8.03
CA SER A 312 35.55 12.01 -7.07
C SER A 312 34.55 13.08 -7.33
N TYR A 313 34.40 13.98 -6.39
CA TYR A 313 33.46 15.05 -6.48
C TYR A 313 34.15 16.37 -6.15
N ASP A 314 33.39 17.43 -5.96
CA ASP A 314 33.89 18.79 -5.68
C ASP A 314 34.52 18.87 -4.27
N PRO A 315 35.81 19.30 -4.18
CA PRO A 315 36.53 19.30 -2.88
C PRO A 315 35.92 20.18 -1.78
N ASP A 316 35.12 21.18 -2.15
CA ASP A 316 34.52 22.15 -1.24
C ASP A 316 33.07 21.86 -0.79
N ALA A 317 32.48 20.78 -1.29
CA ALA A 317 31.05 20.48 -1.08
C ALA A 317 30.74 19.75 0.23
N LEU A 318 31.76 19.31 0.97
CA LEU A 318 31.41 18.47 2.16
C LEU A 318 30.36 19.11 3.07
N PRO A 319 30.60 20.38 3.50
CA PRO A 319 29.64 20.98 4.45
C PRO A 319 28.18 20.94 3.99
N GLN A 320 27.96 21.16 2.71
CA GLN A 320 26.59 21.08 2.22
C GLN A 320 26.12 19.62 2.19
N LEU A 321 27.05 18.74 1.81
CA LEU A 321 26.81 17.29 1.80
C LEU A 321 26.40 16.81 3.18
N LEU A 322 27.13 17.22 4.21
CA LEU A 322 26.70 16.85 5.57
C LEU A 322 25.31 17.42 5.92
N GLU A 323 25.03 18.66 5.52
CA GLU A 323 23.69 19.23 5.80
C GLU A 323 22.54 18.47 5.09
N ILE A 324 22.80 17.98 3.87
CA ILE A 324 21.82 17.10 3.19
C ILE A 324 21.68 15.71 3.85
N MET A 325 22.81 15.13 4.29
CA MET A 325 22.83 13.83 4.98
C MET A 325 22.13 13.88 6.33
N ALA A 326 22.24 15.01 7.03
CA ALA A 326 21.45 15.26 8.24
C ALA A 326 19.91 15.16 8.00
N GLY A 327 19.43 15.81 6.94
CA GLY A 327 18.00 15.82 6.58
C GLY A 327 17.56 14.54 5.90
N VAL A 335 22.19 11.62 14.08
CA VAL A 335 23.44 10.82 14.03
C VAL A 335 23.58 10.08 12.69
N LEU A 336 24.60 10.43 11.88
CA LEU A 336 24.88 9.74 10.59
C LEU A 336 25.29 8.28 10.76
N ARG A 337 24.85 7.45 9.81
CA ARG A 337 25.16 6.05 9.81
C ARG A 337 25.73 5.76 8.48
N PHE A 338 26.73 4.89 8.46
CA PHE A 338 27.28 4.45 7.19
C PHE A 338 27.38 2.95 7.10
N VAL A 339 27.06 2.46 5.93
CA VAL A 339 27.46 1.15 5.57
C VAL A 339 28.94 1.17 5.14
N VAL A 340 29.72 0.33 5.81
CA VAL A 340 31.13 0.17 5.53
C VAL A 340 31.45 -1.28 5.39
N LEU A 341 32.57 -1.59 4.74
CA LEU A 341 32.99 -2.96 4.56
C LEU A 341 34.04 -3.31 5.60
N ASP A 342 33.84 -4.45 6.26
CA ASP A 342 34.86 -4.98 7.18
C ASP A 342 35.81 -5.96 6.46
N GLY A 343 35.91 -5.83 5.16
CA GLY A 343 36.45 -6.84 4.29
C GLY A 343 35.47 -6.98 3.13
N LEU A 344 36.01 -7.41 1.99
CA LEU A 344 35.22 -7.74 0.82
C LEU A 344 34.01 -8.61 1.15
N ALA A 345 32.82 -8.10 0.88
CA ALA A 345 31.56 -8.85 1.12
C ALA A 345 31.30 -9.11 2.60
N LYS A 346 31.92 -8.27 3.45
CA LYS A 346 31.56 -8.22 4.83
C LYS A 346 31.06 -6.86 5.27
N PRO A 347 29.81 -6.54 4.96
CA PRO A 347 29.35 -5.19 5.31
C PRO A 347 29.11 -4.99 6.80
N GLY A 348 29.51 -3.85 7.33
CA GLY A 348 29.29 -3.53 8.74
C GLY A 348 28.68 -2.15 8.76
N ARG A 349 28.82 -1.45 9.88
CA ARG A 349 28.19 -0.14 10.08
C ARG A 349 29.16 0.82 10.69
N MET A 350 28.97 2.10 10.43
CA MET A 350 29.69 3.05 11.22
C MET A 350 28.64 4.03 11.70
N VAL A 351 28.47 4.15 13.02
CA VAL A 351 27.47 5.05 13.58
C VAL A 351 28.12 6.29 14.20
N GLY A 352 27.65 7.47 13.82
CA GLY A 352 28.18 8.72 14.31
C GLY A 352 29.69 8.89 14.27
N PRO A 353 30.30 8.73 13.09
CA PRO A 353 31.75 8.89 12.91
C PRO A 353 32.21 10.25 13.36
N ASP A 354 33.49 10.38 13.74
CA ASP A 354 34.08 11.65 14.07
C ASP A 354 33.96 12.50 12.81
N PRO A 355 33.53 13.79 12.96
CA PRO A 355 33.48 14.73 11.84
C PRO A 355 34.83 14.84 11.13
N GLY A 356 35.92 14.87 11.89
CA GLY A 356 37.28 14.90 11.34
C GLY A 356 37.65 13.65 10.53
N LEU A 357 37.15 12.49 10.93
CA LEU A 357 37.33 11.34 10.09
C LEU A 357 36.63 11.54 8.73
N LEU A 358 35.45 12.17 8.70
CA LEU A 358 34.77 12.43 7.41
C LEU A 358 35.42 13.49 6.48
N VAL A 359 35.83 14.61 7.07
CA VAL A 359 36.68 15.61 6.38
C VAL A 359 37.84 14.92 5.66
N THR A 360 38.56 14.05 6.38
CA THR A 360 39.76 13.32 5.89
C THR A 360 39.54 12.28 4.78
N ALA A 361 38.51 11.46 4.93
CA ALA A 361 38.09 10.52 3.87
C ALA A 361 37.69 11.25 2.60
N TYR A 362 36.96 12.35 2.76
CA TYR A 362 36.48 13.14 1.64
C TYR A 362 37.62 13.84 0.91
N ALA A 363 38.61 14.33 1.67
CA ALA A 363 39.74 14.99 1.04
C ALA A 363 40.65 13.97 0.37
N GLY A 364 40.62 12.72 0.86
CA GLY A 364 41.30 11.61 0.20
C GLY A 364 40.61 11.29 -1.12
N VAL A 365 39.29 11.42 -1.13
CA VAL A 365 38.54 11.20 -2.34
C VAL A 365 38.70 12.37 -3.36
N CYS A 366 38.63 13.62 -2.87
CA CYS A 366 38.51 14.77 -3.74
C CYS A 366 39.75 15.60 -4.06
N ALA A 367 40.93 15.15 -3.63
CA ALA A 367 42.32 15.61 -4.09
C ALA A 367 43.46 15.12 -3.18
N ALA B 12 -11.05 -5.67 32.91
CA ALA B 12 -12.27 -4.97 32.46
C ALA B 12 -12.31 -4.91 30.89
N PRO B 13 -11.18 -4.55 30.25
CA PRO B 13 -11.20 -4.40 28.79
C PRO B 13 -11.07 -5.73 28.05
N VAL B 14 -12.10 -6.06 27.27
CA VAL B 14 -12.12 -7.26 26.45
C VAL B 14 -11.28 -7.03 25.15
N THR B 15 -10.60 -8.06 24.67
CA THR B 15 -9.94 -7.91 23.38
C THR B 15 -10.30 -9.04 22.41
N VAL B 16 -10.36 -8.69 21.14
CA VAL B 16 -10.61 -9.67 20.08
C VAL B 16 -9.35 -9.75 19.21
N GLN B 17 -8.72 -10.89 19.12
CA GLN B 17 -7.56 -10.98 18.28
C GLN B 17 -7.95 -11.28 16.88
N VAL B 18 -7.40 -10.58 15.91
CA VAL B 18 -7.61 -10.89 14.50
C VAL B 18 -6.49 -11.82 14.04
N ALA B 19 -6.82 -13.02 13.60
CA ALA B 19 -5.87 -14.07 13.36
C ALA B 19 -5.18 -14.08 12.01
N VAL B 20 -4.44 -13.03 11.78
CA VAL B 20 -3.87 -12.62 10.56
C VAL B 20 -2.36 -12.65 10.80
N ASP B 21 -1.52 -12.47 9.78
CA ASP B 21 -0.09 -12.54 9.99
C ASP B 21 0.55 -11.16 9.91
N PRO B 22 1.11 -10.64 10.99
CA PRO B 22 0.96 -11.13 12.37
C PRO B 22 -0.44 -10.78 12.91
N PRO B 23 -0.90 -11.51 13.95
CA PRO B 23 -2.20 -11.23 14.61
C PRO B 23 -2.18 -9.85 15.21
N TYR B 24 -3.34 -9.21 15.36
CA TYR B 24 -3.40 -7.92 16.03
C TYR B 24 -4.68 -7.73 16.82
N PRO B 25 -4.62 -6.98 17.92
CA PRO B 25 -5.76 -6.92 18.82
C PRO B 25 -6.70 -5.75 18.55
N VAL B 26 -7.98 -6.03 18.75
CA VAL B 26 -8.96 -4.99 18.92
C VAL B 26 -9.32 -5.00 20.39
N VAL B 27 -9.12 -3.85 21.04
CA VAL B 27 -9.37 -3.71 22.48
C VAL B 27 -10.64 -2.91 22.73
N ILE B 28 -11.56 -3.51 23.52
CA ILE B 28 -12.86 -2.93 23.81
C ILE B 28 -13.03 -2.69 25.31
N GLY B 29 -13.25 -1.43 25.65
CA GLY B 29 -13.46 -1.05 27.01
C GLY B 29 -13.70 0.43 27.12
N THR B 30 -13.40 0.95 28.31
CA THR B 30 -13.69 2.36 28.64
C THR B 30 -12.42 3.07 29.15
N GLY B 31 -12.17 4.29 28.66
CA GLY B 31 -10.93 5.06 28.94
C GLY B 31 -9.75 4.17 28.61
N LEU B 32 -9.27 4.27 27.39
CA LEU B 32 -8.20 3.39 26.96
C LEU B 32 -6.82 4.06 26.81
N LEU B 33 -6.65 5.19 27.44
CA LEU B 33 -5.39 5.88 27.42
C LEU B 33 -4.23 5.05 27.91
N ASP B 34 -4.44 4.22 28.90
CA ASP B 34 -3.35 3.43 29.40
C ASP B 34 -2.85 2.46 28.37
N GLU B 35 -3.78 1.83 27.69
CA GLU B 35 -3.47 0.86 26.69
C GLU B 35 -2.78 1.51 25.50
N LEU B 36 -3.22 2.69 25.12
CA LEU B 36 -2.59 3.47 24.05
C LEU B 36 -1.12 3.83 24.34
N GLU B 37 -0.87 4.28 25.57
CA GLU B 37 0.48 4.46 26.13
C GLU B 37 1.28 3.16 26.01
N ASP B 38 0.90 2.08 26.68
CA ASP B 38 1.63 0.79 26.55
C ASP B 38 2.17 0.53 25.11
N LEU B 39 1.37 0.82 24.08
CA LEU B 39 1.69 0.45 22.71
C LEU B 39 2.75 1.31 22.05
N LEU B 40 2.68 2.62 22.30
CA LEU B 40 3.44 3.60 21.56
C LEU B 40 4.49 4.37 22.38
N ALA B 41 4.85 3.85 23.56
CA ALA B 41 5.78 4.51 24.51
C ALA B 41 7.19 4.62 23.97
N ASP B 42 7.67 3.52 23.36
CA ASP B 42 8.96 3.43 22.65
C ASP B 42 9.08 4.20 21.31
N ARG B 43 7.99 4.67 20.75
CA ARG B 43 8.07 5.30 19.44
C ARG B 43 8.71 6.67 19.61
N HIS B 44 9.72 6.96 18.82
CA HIS B 44 10.37 8.26 18.89
C HIS B 44 9.40 9.35 18.47
N LYS B 45 8.64 9.15 17.38
CA LYS B 45 7.60 10.09 17.00
C LYS B 45 6.24 9.44 16.74
N VAL B 46 5.18 10.23 16.89
CA VAL B 46 3.79 9.80 16.72
C VAL B 46 3.00 10.99 16.19
N ALA B 47 2.16 10.79 15.19
CA ALA B 47 1.20 11.83 14.74
C ALA B 47 -0.23 11.34 14.89
N VAL B 48 -1.12 12.25 15.26
CA VAL B 48 -2.48 11.92 15.58
C VAL B 48 -3.34 12.70 14.59
N VAL B 49 -3.99 11.95 13.69
CA VAL B 49 -4.89 12.51 12.68
C VAL B 49 -6.31 12.42 13.20
N HIS B 50 -6.93 13.56 13.41
CA HIS B 50 -8.17 13.61 14.14
C HIS B 50 -9.17 14.43 13.34
N GLN B 51 -10.44 14.16 13.54
CA GLN B 51 -11.46 15.00 12.93
C GLN B 51 -11.60 16.27 13.80
N PRO B 52 -12.14 17.34 13.22
CA PRO B 52 -12.25 18.64 13.92
C PRO B 52 -12.80 18.53 15.35
N GLY B 53 -13.89 17.82 15.53
CA GLY B 53 -14.50 17.75 16.83
C GLY B 53 -13.70 17.16 17.96
N LEU B 54 -12.65 16.42 17.67
CA LEU B 54 -11.90 15.75 18.69
C LEU B 54 -10.55 16.34 19.02
N ALA B 55 -10.34 17.61 18.74
CA ALA B 55 -9.05 18.20 19.01
C ALA B 55 -8.66 18.12 20.47
N GLU B 56 -9.59 18.38 21.34
CA GLU B 56 -9.33 18.24 22.77
C GLU B 56 -8.90 16.81 23.17
N THR B 57 -9.54 15.79 22.58
CA THR B 57 -9.14 14.41 22.88
C THR B 57 -7.78 14.10 22.27
N ALA B 58 -7.51 14.74 21.12
CA ALA B 58 -6.23 14.63 20.46
C ALA B 58 -5.16 15.18 21.39
N GLU B 59 -5.36 16.42 21.84
CA GLU B 59 -4.37 17.10 22.69
C GLU B 59 -3.96 16.28 23.90
N GLU B 60 -4.89 15.47 24.39
CA GLU B 60 -4.73 14.72 25.64
C GLU B 60 -3.94 13.47 25.38
N ILE B 61 -4.05 12.97 24.18
CA ILE B 61 -3.22 11.87 23.74
C ILE B 61 -1.79 12.36 23.56
N ARG B 62 -1.66 13.50 22.90
CA ARG B 62 -0.37 14.13 22.59
C ARG B 62 0.35 14.48 23.86
N LYS B 63 -0.36 15.18 24.75
CA LYS B 63 0.17 15.56 26.07
C LYS B 63 0.65 14.32 26.78
N ARG B 64 -0.20 13.31 26.87
CA ARG B 64 0.19 12.10 27.58
C ARG B 64 1.34 11.34 26.91
N LEU B 65 1.37 11.35 25.58
CA LEU B 65 2.50 10.70 24.91
C LEU B 65 3.75 11.51 25.08
N ALA B 66 3.69 12.81 24.77
CA ALA B 66 4.81 13.72 25.04
C ALA B 66 5.39 13.46 26.44
N GLY B 67 4.50 13.37 27.44
CA GLY B 67 4.88 12.95 28.77
C GLY B 67 5.79 11.73 28.88
N LYS B 68 5.58 10.70 28.06
CA LYS B 68 6.44 9.53 28.17
C LYS B 68 7.72 9.57 27.35
N GLY B 69 8.13 10.79 26.98
CA GLY B 69 9.34 11.02 26.18
C GLY B 69 9.17 10.61 24.74
N VAL B 70 8.38 11.39 23.98
CA VAL B 70 7.90 11.08 22.61
C VAL B 70 7.55 12.39 21.92
N ASP B 71 8.06 12.60 20.72
CA ASP B 71 7.71 13.82 19.97
C ASP B 71 6.32 13.67 19.29
N ALA B 72 5.29 13.67 20.14
CA ALA B 72 3.90 13.59 19.70
C ALA B 72 3.41 14.85 19.00
N HIS B 73 2.82 14.70 17.81
CA HIS B 73 2.25 15.82 17.09
C HIS B 73 0.78 15.57 16.83
N ARG B 74 0.05 16.59 16.35
CA ARG B 74 -1.35 16.39 15.93
C ARG B 74 -1.78 17.14 14.68
N ILE B 75 -2.53 16.43 13.85
CA ILE B 75 -2.95 16.98 12.57
C ILE B 75 -4.46 16.93 12.45
N GLU B 76 -5.04 17.99 11.92
CA GLU B 76 -6.48 18.06 11.85
C GLU B 76 -6.99 18.03 10.43
N ILE B 77 -7.93 17.16 10.16
CA ILE B 77 -8.40 16.99 8.79
C ILE B 77 -9.84 17.51 8.66
N PRO B 78 -10.29 17.77 7.47
CA PRO B 78 -11.68 18.11 7.31
C PRO B 78 -12.58 16.98 7.78
N ASP B 79 -13.72 17.31 8.35
CA ASP B 79 -14.66 16.35 8.87
C ASP B 79 -15.28 15.57 7.75
N ALA B 80 -15.60 14.34 8.05
CA ALA B 80 -16.39 13.52 7.18
C ALA B 80 -15.72 13.29 5.86
N GLU B 81 -16.50 13.21 4.81
CA GLU B 81 -16.02 12.79 3.51
C GLU B 81 -15.04 13.70 2.84
N ALA B 82 -14.90 14.91 3.31
CA ALA B 82 -13.90 15.78 2.78
C ALA B 82 -12.51 15.49 3.34
N GLY B 83 -12.45 14.92 4.52
CA GLY B 83 -11.19 14.55 5.08
C GLY B 83 -10.57 13.42 4.28
N LYS B 84 -11.32 12.90 3.32
CA LYS B 84 -10.87 11.81 2.51
C LYS B 84 -10.51 12.08 1.07
N ASP B 85 -10.57 13.32 0.62
CA ASP B 85 -10.18 13.67 -0.74
C ASP B 85 -8.67 13.55 -0.87
N LEU B 86 -8.21 13.38 -2.10
CA LEU B 86 -6.79 13.19 -2.36
C LEU B 86 -5.92 14.37 -1.85
N PRO B 87 -6.38 15.62 -2.04
CA PRO B 87 -5.56 16.71 -1.52
C PRO B 87 -5.41 16.70 -0.03
N VAL B 88 -6.34 16.08 0.70
CA VAL B 88 -6.12 15.91 2.16
C VAL B 88 -5.01 14.91 2.43
N VAL B 89 -4.90 13.89 1.56
CA VAL B 89 -3.81 12.91 1.68
C VAL B 89 -2.47 13.64 1.44
N GLY B 90 -2.44 14.41 0.36
CA GLY B 90 -1.27 15.28 0.07
C GLY B 90 -0.89 16.09 1.30
N PHE B 91 -1.91 16.69 1.90
CA PHE B 91 -1.67 17.52 3.05
C PHE B 91 -0.99 16.73 4.14
N ILE B 92 -1.51 15.54 4.45
CA ILE B 92 -0.91 14.70 5.53
C ILE B 92 0.53 14.39 5.24
N TRP B 93 0.79 14.00 3.98
CA TRP B 93 2.13 13.64 3.49
C TRP B 93 3.13 14.73 3.78
N GLU B 94 2.82 15.95 3.30
CA GLU B 94 3.68 17.12 3.62
C GLU B 94 3.92 17.21 5.12
N VAL B 95 2.86 17.16 5.91
CA VAL B 95 3.05 17.35 7.35
C VAL B 95 3.92 16.26 7.95
N LEU B 96 3.78 15.03 7.46
CA LEU B 96 4.62 13.94 7.96
C LEU B 96 6.06 14.25 7.53
N GLY B 97 6.17 14.87 6.36
CA GLY B 97 7.44 15.41 5.85
C GLY B 97 8.15 16.37 6.79
N ARG B 98 7.49 17.48 7.13
CA ARG B 98 8.00 18.49 8.08
C ARG B 98 8.32 17.98 9.48
N ILE B 99 7.60 16.97 9.94
CA ILE B 99 7.74 16.50 11.30
C ILE B 99 8.91 15.54 11.36
N GLY B 100 9.28 15.02 10.20
CA GLY B 100 10.30 13.97 10.13
C GLY B 100 9.84 12.62 10.67
N ILE B 101 8.62 12.22 10.29
CA ILE B 101 8.07 10.92 10.71
C ILE B 101 8.82 9.85 9.94
N GLY B 102 9.42 8.88 10.65
CA GLY B 102 10.26 7.86 10.00
C GLY B 102 9.70 6.43 9.95
N ARG B 103 10.44 5.51 9.41
CA ARG B 103 9.95 4.18 9.25
C ARG B 103 9.48 3.49 10.51
N LYS B 104 10.10 3.80 11.63
CA LYS B 104 9.77 3.20 12.89
C LYS B 104 8.80 3.99 13.73
N ASP B 105 8.33 5.10 13.24
CA ASP B 105 7.35 5.88 14.02
C ASP B 105 5.92 5.42 13.71
N ALA B 106 4.92 6.20 14.12
CA ALA B 106 3.54 5.73 14.08
C ALA B 106 2.50 6.82 13.87
N LEU B 107 1.37 6.42 13.28
CA LEU B 107 0.25 7.30 13.21
C LEU B 107 -0.82 6.82 14.16
N VAL B 108 -1.65 7.76 14.61
CA VAL B 108 -2.85 7.42 15.36
C VAL B 108 -4.00 8.15 14.70
N SER B 109 -5.09 7.40 14.50
CA SER B 109 -6.29 7.96 13.86
C SER B 109 -7.31 8.11 14.97
N LEU B 110 -8.06 9.21 14.91
CA LEU B 110 -9.03 9.53 15.90
C LEU B 110 -10.25 10.13 15.21
N GLY B 111 -11.37 9.41 15.24
CA GLY B 111 -12.54 9.86 14.49
C GLY B 111 -13.35 8.70 13.99
N GLY B 112 -14.20 8.98 12.98
CA GLY B 112 -15.02 7.96 12.32
C GLY B 112 -14.28 7.30 11.16
N GLY B 113 -14.97 6.37 10.52
CA GLY B 113 -14.44 5.65 9.38
C GLY B 113 -13.63 6.49 8.39
N ALA B 114 -14.04 7.75 8.20
CA ALA B 114 -13.36 8.64 7.27
C ALA B 114 -11.99 9.00 7.78
N ALA B 115 -11.89 9.20 9.08
CA ALA B 115 -10.59 9.49 9.65
C ALA B 115 -9.71 8.24 9.57
N THR B 116 -10.30 7.07 9.84
CA THR B 116 -9.52 5.83 9.81
C THR B 116 -9.07 5.48 8.38
N ASP B 117 -9.96 5.60 7.40
CA ASP B 117 -9.59 5.44 6.01
C ASP B 117 -8.40 6.35 5.65
N VAL B 118 -8.51 7.67 5.84
CA VAL B 118 -7.55 8.57 5.25
C VAL B 118 -6.26 8.43 6.01
N ALA B 119 -6.33 8.33 7.32
CA ALA B 119 -5.11 8.16 8.07
C ALA B 119 -4.49 6.83 7.72
N GLY B 120 -5.34 5.87 7.34
CA GLY B 120 -4.86 4.51 7.11
C GLY B 120 -4.16 4.48 5.81
N PHE B 121 -4.75 5.17 4.85
CA PHE B 121 -4.12 5.34 3.57
C PHE B 121 -2.76 6.04 3.63
N ALA B 122 -2.71 7.16 4.33
CA ALA B 122 -1.46 7.92 4.50
C ALA B 122 -0.45 7.03 5.18
N ALA B 123 -0.84 6.22 6.16
CA ALA B 123 0.15 5.39 6.82
C ALA B 123 0.67 4.32 5.85
N ALA B 124 -0.24 3.74 5.09
CA ALA B 124 0.09 2.75 4.09
C ALA B 124 1.08 3.29 3.05
N THR B 125 1.00 4.57 2.73
CA THR B 125 1.78 5.08 1.62
C THR B 125 2.90 6.02 2.02
N TRP B 126 3.20 6.08 3.31
CA TRP B 126 4.33 6.88 3.83
C TRP B 126 5.55 6.00 4.08
N LEU B 127 6.59 6.20 3.32
CA LEU B 127 7.83 5.47 3.44
C LEU B 127 7.60 4.01 3.36
N ARG B 128 6.67 3.64 2.52
CA ARG B 128 6.29 2.27 2.29
C ARG B 128 5.57 1.55 3.44
N GLY B 129 4.85 2.32 4.23
CA GLY B 129 4.08 1.79 5.33
C GLY B 129 4.60 1.95 6.71
N VAL B 130 3.89 2.66 7.56
CA VAL B 130 4.30 2.88 8.92
C VAL B 130 3.19 2.48 9.83
N SER B 131 3.52 2.17 11.06
CA SER B 131 2.54 1.66 12.03
C SER B 131 1.39 2.62 12.24
N ILE B 132 0.17 2.11 12.29
CA ILE B 132 -0.99 2.93 12.72
C ILE B 132 -1.90 2.20 13.72
N VAL B 133 -2.39 2.96 14.71
CA VAL B 133 -3.34 2.52 15.72
C VAL B 133 -4.59 3.30 15.45
N HIS B 134 -5.69 2.60 15.31
CA HIS B 134 -6.95 3.21 15.06
C HIS B 134 -7.71 3.38 16.33
N LEU B 135 -8.28 4.55 16.50
CA LEU B 135 -9.13 4.89 17.60
C LEU B 135 -10.41 5.39 17.04
N PRO B 136 -11.26 4.49 16.60
CA PRO B 136 -12.53 4.86 16.03
C PRO B 136 -13.52 5.43 16.99
N THR B 137 -14.20 6.44 16.55
CA THR B 137 -15.11 7.05 17.49
C THR B 137 -16.60 7.15 17.02
N THR B 138 -16.92 6.55 15.87
CA THR B 138 -18.28 6.24 15.52
C THR B 138 -18.46 4.71 15.70
N LEU B 139 -19.72 4.29 15.80
CA LEU B 139 -20.05 2.89 15.91
C LEU B 139 -19.69 2.17 14.62
N LEU B 140 -19.92 2.83 13.49
CA LEU B 140 -19.52 2.32 12.17
C LEU B 140 -18.02 2.12 12.15
N GLY B 141 -17.29 3.19 12.44
CA GLY B 141 -15.83 3.11 12.50
C GLY B 141 -15.47 1.97 13.45
N MET B 142 -16.23 1.77 14.50
CA MET B 142 -15.81 0.78 15.47
C MET B 142 -16.04 -0.63 14.98
N VAL B 143 -17.15 -0.88 14.37
CA VAL B 143 -17.38 -2.23 13.97
C VAL B 143 -16.92 -2.55 12.58
N ASP B 144 -16.66 -1.57 11.77
CA ASP B 144 -16.36 -1.83 10.38
C ASP B 144 -15.11 -1.22 9.84
N ALA B 145 -15.08 0.10 9.80
CA ALA B 145 -14.00 0.80 9.15
C ALA B 145 -12.64 0.55 9.72
N ALA B 146 -12.52 0.44 11.03
CA ALA B 146 -11.23 0.35 11.67
C ALA B 146 -10.72 -1.06 11.71
N VAL B 147 -11.61 -2.03 11.55
CA VAL B 147 -11.18 -3.40 11.69
C VAL B 147 -10.86 -3.90 10.31
N GLY B 148 -9.70 -4.56 10.16
CA GLY B 148 -9.38 -5.29 8.92
C GLY B 148 -8.57 -4.66 7.79
N GLY B 149 -7.84 -3.59 8.02
CA GLY B 149 -6.89 -3.26 6.95
C GLY B 149 -7.23 -2.76 5.54
N LYS B 150 -8.49 -2.65 5.13
CA LYS B 150 -8.79 -2.00 3.84
C LYS B 150 -8.77 -0.49 4.03
N THR B 151 -8.14 0.25 3.14
CA THR B 151 -8.26 1.72 3.23
C THR B 151 -8.92 2.24 1.95
N GLY B 152 -9.41 3.47 1.95
CA GLY B 152 -10.05 4.04 0.74
C GLY B 152 -10.00 5.56 0.76
N ILE B 153 -9.82 6.19 -0.40
CA ILE B 153 -9.88 7.63 -0.43
C ILE B 153 -10.68 8.03 -1.61
N ASN B 154 -11.04 9.31 -1.67
CA ASN B 154 -11.85 9.88 -2.74
C ASN B 154 -10.94 10.62 -3.67
N THR B 155 -10.99 10.20 -4.93
CA THR B 155 -10.16 10.76 -5.98
C THR B 155 -11.04 11.06 -7.20
N ASP B 156 -10.38 11.59 -8.23
CA ASP B 156 -11.03 11.80 -9.54
C ASP B 156 -11.68 10.51 -10.05
N ALA B 157 -11.08 9.36 -9.74
CA ALA B 157 -11.64 8.07 -10.17
C ALA B 157 -13.03 7.61 -9.55
N GLY B 158 -13.40 8.16 -8.39
CA GLY B 158 -14.63 7.73 -7.64
C GLY B 158 -14.43 7.64 -6.10
N LYS B 159 -15.29 6.90 -5.43
CA LYS B 159 -15.19 6.77 -3.99
C LYS B 159 -14.53 5.46 -3.66
N ASN B 160 -13.42 5.45 -2.94
CA ASN B 160 -12.82 4.19 -2.46
C ASN B 160 -12.34 3.19 -3.48
N LEU B 161 -12.24 3.59 -4.73
CA LEU B 161 -11.61 2.75 -5.73
C LEU B 161 -10.14 2.70 -5.42
N VAL B 162 -9.59 3.88 -5.10
CA VAL B 162 -8.21 4.00 -4.66
C VAL B 162 -8.13 3.74 -3.18
N GLY B 163 -7.14 2.96 -2.79
CA GLY B 163 -6.93 2.63 -1.39
C GLY B 163 -5.90 1.55 -1.35
N ALA B 164 -5.19 1.47 -0.23
CA ALA B 164 -4.14 0.49 -0.04
C ALA B 164 -4.62 -0.52 0.97
N PHE B 165 -3.94 -1.64 1.07
CA PHE B 165 -4.21 -2.64 2.06
C PHE B 165 -3.10 -2.64 3.08
N HIS B 166 -3.45 -2.32 4.30
CA HIS B 166 -2.48 -2.14 5.33
C HIS B 166 -3.10 -2.41 6.66
N GLN B 167 -2.72 -3.48 7.31
CA GLN B 167 -3.18 -3.75 8.66
C GLN B 167 -2.57 -2.83 9.69
N PRO B 168 -3.35 -2.44 10.66
CA PRO B 168 -2.92 -1.59 11.76
C PRO B 168 -2.24 -2.37 12.86
N LEU B 169 -1.54 -1.70 13.74
CA LEU B 169 -0.83 -2.35 14.85
C LEU B 169 -1.80 -2.92 15.89
N ALA B 170 -2.81 -2.09 16.20
CA ALA B 170 -3.90 -2.36 17.10
C ALA B 170 -5.08 -1.41 16.85
N VAL B 171 -6.23 -1.73 17.42
CA VAL B 171 -7.42 -0.89 17.34
C VAL B 171 -7.97 -0.81 18.72
N LEU B 172 -8.30 0.40 19.13
CA LEU B 172 -8.72 0.68 20.47
C LEU B 172 -10.11 1.28 20.41
N VAL B 173 -11.05 0.52 20.94
CA VAL B 173 -12.47 0.81 20.80
C VAL B 173 -12.93 1.27 22.18
N ASP B 174 -13.03 2.59 22.30
CA ASP B 174 -13.23 3.20 23.60
C ASP B 174 -14.68 3.69 23.67
N LEU B 175 -15.44 3.00 24.51
CA LEU B 175 -16.86 3.17 24.53
C LEU B 175 -17.22 4.53 25.06
N ALA B 176 -16.30 5.11 25.82
CA ALA B 176 -16.51 6.41 26.41
C ALA B 176 -16.74 7.45 25.33
N THR B 177 -16.05 7.31 24.20
CA THR B 177 -16.14 8.29 23.09
C THR B 177 -17.53 8.40 22.47
N LEU B 178 -18.33 7.36 22.65
CA LEU B 178 -19.66 7.31 22.05
C LEU B 178 -20.65 8.25 22.71
N GLN B 179 -20.37 8.59 23.98
CA GLN B 179 -21.22 9.52 24.75
C GLN B 179 -21.55 10.80 24.04
N THR B 180 -20.70 11.29 23.15
CA THR B 180 -21.04 12.48 22.37
C THR B 180 -21.72 12.21 21.02
N LEU B 181 -21.70 10.96 20.58
CA LEU B 181 -22.20 10.60 19.27
C LEU B 181 -23.71 10.70 19.26
N PRO B 182 -24.27 11.36 18.24
CA PRO B 182 -25.73 11.56 18.13
C PRO B 182 -26.49 10.29 17.85
N ARG B 183 -27.79 10.32 18.07
CA ARG B 183 -28.66 9.23 17.78
C ARG B 183 -28.50 8.81 16.32
N ASP B 184 -28.45 9.78 15.41
CA ASP B 184 -28.53 9.45 13.99
C ASP B 184 -27.36 8.57 13.49
N GLU B 185 -26.18 8.83 14.02
CA GLU B 185 -24.96 8.14 13.63
C GLU B 185 -24.85 6.81 14.35
N MET B 186 -25.34 6.78 15.58
CA MET B 186 -25.46 5.53 16.31
C MET B 186 -26.33 4.50 15.53
N ILE B 187 -27.38 4.99 14.90
CA ILE B 187 -28.38 4.17 14.22
C ILE B 187 -27.82 3.74 12.88
N CYS B 188 -27.14 4.70 12.22
CA CYS B 188 -26.27 4.46 11.08
C CYS B 188 -25.47 3.19 11.29
N GLY B 189 -24.61 3.15 12.31
CA GLY B 189 -23.75 1.98 12.50
C GLY B 189 -24.46 0.72 12.97
N MET B 190 -25.64 0.86 13.57
CA MET B 190 -26.36 -0.34 14.06
C MET B 190 -26.80 -1.23 12.86
N ALA B 191 -26.97 -0.63 11.70
CA ALA B 191 -27.36 -1.33 10.52
C ALA B 191 -26.33 -2.36 10.14
N GLU B 192 -25.09 -1.99 10.28
CA GLU B 192 -23.98 -2.88 10.09
C GLU B 192 -23.94 -3.97 11.13
N VAL B 193 -24.30 -3.64 12.36
CA VAL B 193 -24.36 -4.60 13.44
C VAL B 193 -25.45 -5.62 13.26
N VAL B 194 -26.60 -5.17 12.78
CA VAL B 194 -27.68 -6.07 12.45
C VAL B 194 -27.21 -7.01 11.34
N LYS B 195 -26.53 -6.44 10.36
CA LYS B 195 -26.04 -7.25 9.27
C LYS B 195 -25.21 -8.41 9.82
N ALA B 196 -24.26 -8.11 10.69
CA ALA B 196 -23.51 -9.19 11.31
C ALA B 196 -24.43 -10.24 12.02
N GLY B 197 -25.51 -9.78 12.61
CA GLY B 197 -26.41 -10.70 13.30
C GLY B 197 -26.99 -11.73 12.34
N PHE B 198 -27.45 -11.28 11.18
CA PHE B 198 -28.07 -12.16 10.20
C PHE B 198 -27.08 -13.06 9.46
N ILE B 199 -25.87 -12.60 9.25
CA ILE B 199 -24.94 -13.39 8.52
C ILE B 199 -24.05 -14.32 9.31
N ALA B 200 -23.76 -14.02 10.55
CA ALA B 200 -22.89 -14.87 11.33
C ALA B 200 -23.28 -15.19 12.78
N ASP B 201 -23.89 -14.23 13.45
CA ASP B 201 -24.17 -14.32 14.87
C ASP B 201 -25.54 -13.84 15.33
N PRO B 202 -26.54 -14.72 15.29
CA PRO B 202 -27.93 -14.48 15.65
C PRO B 202 -28.14 -14.03 17.07
N VAL B 203 -27.20 -14.27 17.97
CA VAL B 203 -27.30 -13.66 19.33
C VAL B 203 -27.34 -12.13 19.26
N ILE B 204 -26.66 -11.55 18.27
CA ILE B 204 -26.74 -10.11 18.06
C ILE B 204 -28.19 -9.77 17.94
N LEU B 205 -28.92 -10.60 17.19
CA LEU B 205 -30.33 -10.31 16.91
C LEU B 205 -31.23 -10.38 18.15
N ASP B 206 -31.04 -11.43 18.94
CA ASP B 206 -31.73 -11.59 20.23
C ASP B 206 -31.39 -10.50 21.24
N LEU B 207 -30.14 -10.08 21.30
CA LEU B 207 -29.83 -8.98 22.19
C LEU B 207 -30.57 -7.71 21.79
N ILE B 208 -30.67 -7.43 20.50
CA ILE B 208 -31.35 -6.21 20.10
C ILE B 208 -32.80 -6.42 20.37
N GLU B 209 -33.33 -7.58 20.01
CA GLU B 209 -34.77 -7.79 20.09
C GLU B 209 -35.34 -7.55 21.49
N ALA B 210 -34.56 -7.90 22.48
CA ALA B 210 -34.99 -7.85 23.84
C ALA B 210 -35.35 -6.47 24.31
N ASP B 211 -34.57 -5.47 23.93
CA ASP B 211 -34.94 -4.08 24.08
C ASP B 211 -34.17 -3.21 23.10
N PRO B 212 -34.81 -2.78 22.04
CA PRO B 212 -34.13 -2.06 20.98
C PRO B 212 -33.57 -0.73 21.40
N GLN B 213 -34.27 0.00 22.24
CA GLN B 213 -33.76 1.27 22.74
C GLN B 213 -32.54 1.17 23.61
N ALA B 214 -32.44 0.11 24.40
CA ALA B 214 -31.24 -0.21 25.19
C ALA B 214 -30.06 -0.62 24.33
N ALA B 215 -30.33 -1.06 23.12
CA ALA B 215 -29.27 -1.44 22.22
C ALA B 215 -28.54 -0.19 21.78
N LEU B 216 -29.23 0.95 21.79
CA LEU B 216 -28.71 2.19 21.26
C LEU B 216 -28.09 3.04 22.33
N ASP B 217 -28.14 2.60 23.56
CA ASP B 217 -27.59 3.39 24.65
C ASP B 217 -26.16 2.94 24.91
N PRO B 218 -25.20 3.86 24.72
CA PRO B 218 -23.74 3.64 24.93
C PRO B 218 -23.37 3.40 26.39
N ALA B 219 -24.31 3.69 27.27
CA ALA B 219 -24.05 3.62 28.69
C ALA B 219 -24.58 2.30 29.27
N GLY B 220 -25.26 1.50 28.43
CA GLY B 220 -25.92 0.24 28.87
C GLY B 220 -25.05 -1.02 28.83
N ASP B 221 -25.59 -2.16 29.25
CA ASP B 221 -24.81 -3.41 29.21
C ASP B 221 -24.83 -4.03 27.82
N VAL B 222 -25.71 -3.54 26.97
CA VAL B 222 -26.07 -4.29 25.77
C VAL B 222 -25.13 -3.95 24.62
N LEU B 223 -25.00 -2.67 24.34
CA LEU B 223 -24.06 -2.16 23.35
C LEU B 223 -22.61 -2.73 23.41
N PRO B 224 -21.99 -2.74 24.58
CA PRO B 224 -20.62 -3.29 24.56
C PRO B 224 -20.56 -4.69 24.00
N GLU B 225 -21.54 -5.51 24.35
CA GLU B 225 -21.60 -6.90 23.90
C GLU B 225 -21.92 -6.96 22.40
N LEU B 226 -22.79 -6.07 21.93
CA LEU B 226 -23.10 -5.99 20.51
C LEU B 226 -21.86 -5.72 19.66
N ILE B 227 -21.02 -4.84 20.17
CA ILE B 227 -19.78 -4.44 19.52
C ILE B 227 -18.78 -5.57 19.64
N ARG B 228 -18.66 -6.20 20.81
CA ARG B 228 -17.79 -7.39 20.88
C ARG B 228 -18.16 -8.42 19.80
N ARG B 229 -19.44 -8.78 19.73
CA ARG B 229 -19.90 -9.72 18.74
C ARG B 229 -19.77 -9.24 17.30
N ALA B 230 -20.10 -7.99 16.98
CA ALA B 230 -20.08 -7.63 15.57
C ALA B 230 -18.61 -7.62 15.09
N ILE B 231 -17.72 -7.22 15.98
CA ILE B 231 -16.33 -7.18 15.70
C ILE B 231 -15.75 -8.59 15.63
N THR B 232 -16.23 -9.52 16.49
CA THR B 232 -15.82 -10.91 16.37
C THR B 232 -16.15 -11.41 14.95
N VAL B 233 -17.39 -11.17 14.52
CA VAL B 233 -17.79 -11.55 13.19
C VAL B 233 -16.83 -10.96 12.18
N LYS B 234 -16.61 -9.66 12.19
CA LYS B 234 -15.72 -9.09 11.17
C LYS B 234 -14.28 -9.65 11.21
N ALA B 235 -13.68 -9.75 12.39
CA ALA B 235 -12.41 -10.48 12.57
C ALA B 235 -12.37 -11.93 12.06
N GLU B 236 -13.47 -12.65 12.13
CA GLU B 236 -13.46 -14.01 11.58
C GLU B 236 -13.38 -13.92 10.06
N VAL B 237 -14.13 -13.03 9.48
CA VAL B 237 -14.09 -12.88 8.07
C VAL B 237 -12.75 -12.42 7.54
N VAL B 238 -12.10 -11.47 8.18
CA VAL B 238 -10.90 -10.96 7.60
C VAL B 238 -9.71 -11.83 7.79
N ALA B 239 -9.79 -12.75 8.73
CA ALA B 239 -8.79 -13.76 8.88
C ALA B 239 -9.07 -14.96 8.00
N ALA B 240 -10.13 -14.91 7.20
CA ALA B 240 -10.42 -15.97 6.21
C ALA B 240 -9.34 -16.15 5.14
N GLU B 246 -14.48 -16.60 -2.24
CA GLU B 246 -14.03 -15.60 -1.29
C GLU B 246 -15.19 -15.15 -0.38
N LEU B 247 -15.04 -15.44 0.91
CA LEU B 247 -16.06 -15.19 1.96
C LEU B 247 -16.21 -13.73 2.38
N ARG B 248 -15.15 -12.93 2.26
CA ARG B 248 -15.22 -11.48 2.56
C ARG B 248 -16.42 -10.82 1.88
N GLU B 249 -16.93 -11.48 0.84
CA GLU B 249 -18.17 -11.10 0.22
C GLU B 249 -19.35 -11.02 1.18
N ILE B 250 -19.44 -11.90 2.19
CA ILE B 250 -20.62 -11.85 3.09
C ILE B 250 -20.87 -10.50 3.75
N LEU B 251 -19.81 -9.74 3.98
CA LEU B 251 -19.91 -8.42 4.57
C LEU B 251 -20.58 -7.46 3.64
N ASN B 252 -20.93 -7.90 2.44
CA ASN B 252 -21.66 -7.04 1.54
C ASN B 252 -23.14 -7.28 1.55
N TYR B 253 -23.56 -8.11 2.50
CA TYR B 253 -24.96 -8.41 2.63
C TYR B 253 -25.70 -7.09 2.81
N GLY B 254 -26.65 -6.88 1.92
CA GLY B 254 -27.40 -5.65 1.88
C GLY B 254 -26.75 -4.47 1.20
N HIS B 255 -25.51 -4.60 0.75
CA HIS B 255 -24.78 -3.43 0.14
C HIS B 255 -25.04 -3.30 -1.40
N THR B 256 -25.65 -4.29 -2.04
CA THR B 256 -25.78 -4.18 -3.51
C THR B 256 -26.83 -3.12 -3.83
N LEU B 257 -28.01 -3.29 -3.28
CA LEU B 257 -29.03 -2.28 -3.46
C LEU B 257 -28.62 -1.06 -2.61
N GLY B 258 -28.18 -1.32 -1.39
CA GLY B 258 -27.69 -0.29 -0.50
C GLY B 258 -26.89 0.76 -1.22
N HIS B 259 -25.73 0.39 -1.76
CA HIS B 259 -24.83 1.32 -2.46
C HIS B 259 -25.55 2.03 -3.62
N ALA B 260 -26.39 1.36 -4.37
CA ALA B 260 -27.11 2.02 -5.44
C ALA B 260 -27.99 3.12 -4.88
N ILE B 261 -28.71 2.86 -3.77
CA ILE B 261 -29.53 3.87 -3.14
C ILE B 261 -28.71 5.08 -2.66
N GLU B 262 -27.53 4.80 -2.11
CA GLU B 262 -26.61 5.80 -1.63
C GLU B 262 -26.24 6.71 -2.81
N ARG B 263 -25.80 6.12 -3.92
CA ARG B 263 -25.50 6.84 -5.18
C ARG B 263 -26.66 7.73 -5.66
N ARG B 264 -27.85 7.12 -5.72
CA ARG B 264 -29.01 7.76 -6.30
C ARG B 264 -29.33 9.00 -5.50
N GLU B 265 -29.14 8.93 -4.17
CA GLU B 265 -29.45 10.03 -3.24
C GLU B 265 -28.25 10.97 -3.09
N ARG B 266 -27.21 10.76 -3.92
CA ARG B 266 -26.01 11.65 -3.98
C ARG B 266 -25.25 11.71 -2.66
N TYR B 267 -25.31 10.62 -1.89
CA TYR B 267 -24.65 10.52 -0.56
C TYR B 267 -25.22 11.32 0.57
N ARG B 268 -26.45 11.79 0.44
CA ARG B 268 -27.12 12.48 1.54
C ARG B 268 -27.64 11.48 2.57
N TRP B 269 -28.19 10.37 2.08
CA TRP B 269 -28.55 9.23 2.94
C TRP B 269 -27.34 8.76 3.77
N ARG B 270 -27.57 8.51 5.05
CA ARG B 270 -26.53 7.88 5.83
C ARG B 270 -26.37 6.47 5.27
N HIS B 271 -25.12 6.04 5.08
CA HIS B 271 -24.82 4.71 4.61
C HIS B 271 -25.71 3.62 5.22
N GLY B 272 -25.87 3.67 6.54
CA GLY B 272 -26.59 2.68 7.31
C GLY B 272 -28.06 2.62 6.95
N ALA B 273 -28.61 3.77 6.63
CA ALA B 273 -29.99 3.78 6.20
C ALA B 273 -30.15 3.03 4.86
N ALA B 274 -29.18 3.18 3.98
CA ALA B 274 -29.25 2.57 2.67
C ALA B 274 -28.99 1.06 2.80
N VAL B 275 -27.99 0.70 3.61
CA VAL B 275 -27.77 -0.70 3.91
C VAL B 275 -29.03 -1.35 4.47
N SER B 276 -29.69 -0.63 5.38
CA SER B 276 -30.95 -1.11 5.95
C SER B 276 -31.99 -1.45 4.89
N VAL B 277 -32.25 -0.57 3.93
CA VAL B 277 -33.17 -0.99 2.81
C VAL B 277 -32.66 -2.22 2.05
N GLY B 278 -31.35 -2.22 1.80
CA GLY B 278 -30.69 -3.33 1.13
C GLY B 278 -30.88 -4.67 1.78
N LEU B 279 -30.76 -4.70 3.09
CA LEU B 279 -30.99 -5.93 3.86
C LEU B 279 -32.41 -6.44 3.70
N VAL B 280 -33.37 -5.54 3.84
CA VAL B 280 -34.76 -5.90 3.68
C VAL B 280 -35.00 -6.40 2.25
N PHE B 281 -34.36 -5.76 1.27
CA PHE B 281 -34.40 -6.27 -0.13
C PHE B 281 -33.77 -7.66 -0.30
N ALA B 282 -32.52 -7.80 0.11
CA ALA B 282 -31.84 -9.09 0.05
C ALA B 282 -32.68 -10.23 0.65
N ALA B 283 -33.32 -9.95 1.78
CA ALA B 283 -34.26 -10.87 2.44
C ALA B 283 -35.46 -11.21 1.61
N GLU B 284 -36.01 -10.24 0.89
CA GLU B 284 -37.14 -10.54 0.05
C GLU B 284 -36.69 -11.36 -1.18
N LEU B 285 -35.55 -10.99 -1.74
CA LEU B 285 -34.98 -11.76 -2.81
C LEU B 285 -34.86 -13.22 -2.40
N ALA B 286 -34.21 -13.49 -1.27
CA ALA B 286 -33.99 -14.89 -0.88
C ALA B 286 -35.33 -15.63 -0.51
N ARG B 287 -36.28 -14.88 0.02
CA ARG B 287 -37.58 -15.43 0.29
C ARG B 287 -38.28 -15.82 -1.02
N LEU B 288 -38.50 -14.87 -1.94
CA LEU B 288 -39.07 -15.23 -3.25
C LEU B 288 -38.34 -16.40 -3.99
N ALA B 289 -37.05 -16.64 -3.67
CA ALA B 289 -36.27 -17.66 -4.37
C ALA B 289 -36.42 -19.02 -3.74
N GLY B 290 -37.22 -19.08 -2.66
CA GLY B 290 -37.43 -20.29 -1.90
C GLY B 290 -36.23 -20.71 -1.04
N ARG B 291 -35.25 -19.82 -0.87
CA ARG B 291 -34.03 -20.11 -0.07
C ARG B 291 -34.10 -19.68 1.38
N LEU B 292 -35.05 -18.81 1.70
CA LEU B 292 -35.16 -18.27 3.07
C LEU B 292 -36.60 -18.35 3.62
N ASP B 293 -36.74 -18.79 4.87
CA ASP B 293 -38.03 -18.94 5.50
C ASP B 293 -38.67 -17.59 5.76
N ASP B 294 -40.00 -17.57 5.77
CA ASP B 294 -40.74 -16.33 5.91
C ASP B 294 -40.42 -15.61 7.21
N ALA B 295 -40.17 -16.39 8.26
CA ALA B 295 -39.99 -15.86 9.63
C ALA B 295 -38.66 -15.12 9.75
N THR B 296 -37.59 -15.73 9.27
CA THR B 296 -36.29 -15.07 9.17
C THR B 296 -36.28 -13.93 8.17
N ALA B 297 -37.03 -14.05 7.09
CA ALA B 297 -37.12 -12.99 6.12
C ALA B 297 -37.77 -11.76 6.76
N GLN B 298 -38.82 -11.97 7.56
CA GLN B 298 -39.67 -10.90 8.08
C GLN B 298 -38.94 -10.21 9.24
N ARG B 299 -38.10 -10.99 9.90
CA ARG B 299 -37.34 -10.52 11.02
C ARG B 299 -36.39 -9.35 10.66
N HIS B 300 -35.91 -9.32 9.42
CA HIS B 300 -35.10 -8.17 8.89
C HIS B 300 -35.88 -6.82 9.11
N ARG B 301 -37.01 -6.71 8.44
CA ARG B 301 -37.95 -5.62 8.55
C ARG B 301 -38.26 -5.24 10.03
N THR B 302 -38.50 -6.22 10.90
CA THR B 302 -38.96 -5.88 12.27
C THR B 302 -37.83 -5.42 13.18
N ILE B 303 -36.66 -6.06 13.09
CA ILE B 303 -35.50 -5.55 13.79
C ILE B 303 -35.08 -4.18 13.24
N LEU B 304 -35.05 -3.99 11.94
CA LEU B 304 -34.51 -2.75 11.49
C LEU B 304 -35.47 -1.59 11.76
N SER B 305 -36.77 -1.74 11.50
CA SER B 305 -37.70 -0.62 11.72
C SER B 305 -37.75 -0.21 13.21
N SER B 306 -37.59 -1.17 14.09
CA SER B 306 -37.70 -0.87 15.48
C SER B 306 -36.49 -0.16 16.00
N LEU B 307 -35.41 -0.15 15.23
CA LEU B 307 -34.24 0.63 15.63
C LEU B 307 -34.34 1.97 14.96
N GLY B 308 -35.41 2.24 14.21
CA GLY B 308 -35.49 3.55 13.54
C GLY B 308 -34.83 3.61 12.15
N LEU B 309 -34.48 2.46 11.61
CA LEU B 309 -33.86 2.40 10.31
C LEU B 309 -34.97 2.26 9.29
N PRO B 310 -34.78 2.79 8.10
CA PRO B 310 -35.70 2.65 6.99
C PRO B 310 -35.82 1.26 6.41
N VAL B 311 -37.03 0.84 6.11
CA VAL B 311 -37.30 -0.45 5.50
C VAL B 311 -37.93 -0.37 4.13
N SER B 312 -38.03 0.83 3.61
CA SER B 312 -38.62 1.09 2.31
C SER B 312 -37.95 2.26 1.70
N TYR B 313 -38.10 2.36 0.41
CA TYR B 313 -37.57 3.42 -0.40
C TYR B 313 -38.60 3.74 -1.45
N ASP B 314 -38.38 4.78 -2.22
CA ASP B 314 -39.25 5.17 -3.31
C ASP B 314 -39.64 3.97 -4.21
N PRO B 315 -40.94 3.57 -4.22
CA PRO B 315 -41.41 2.44 -5.07
C PRO B 315 -41.22 2.59 -6.59
N ASP B 316 -40.83 3.79 -7.06
CA ASP B 316 -40.60 4.07 -8.51
C ASP B 316 -39.14 4.12 -8.92
N ALA B 317 -38.27 3.95 -7.94
CA ALA B 317 -36.84 4.16 -8.14
C ALA B 317 -36.12 2.97 -8.81
N LEU B 318 -36.82 1.84 -8.97
CA LEU B 318 -36.10 0.64 -9.39
C LEU B 318 -35.36 0.78 -10.71
N PRO B 319 -36.03 1.31 -11.78
CA PRO B 319 -35.28 1.48 -13.04
C PRO B 319 -33.97 2.24 -12.87
N GLN B 320 -33.99 3.37 -12.18
CA GLN B 320 -32.74 4.11 -12.04
C GLN B 320 -31.69 3.35 -11.22
N LEU B 321 -32.17 2.52 -10.28
CA LEU B 321 -31.27 1.77 -9.38
C LEU B 321 -30.60 0.60 -10.12
N LEU B 322 -31.39 -0.10 -10.95
CA LEU B 322 -30.86 -1.14 -11.82
C LEU B 322 -29.73 -0.56 -12.66
N GLU B 323 -29.91 0.66 -13.18
CA GLU B 323 -28.88 1.32 -14.03
C GLU B 323 -27.58 1.58 -13.28
N ILE B 324 -27.73 2.04 -12.04
CA ILE B 324 -26.59 2.36 -11.18
C ILE B 324 -25.82 1.09 -10.82
N MET B 325 -26.56 0.03 -10.51
CA MET B 325 -25.97 -1.29 -10.19
C MET B 325 -24.99 -1.88 -11.24
N ALA B 326 -25.00 -1.38 -12.49
CA ALA B 326 -23.91 -1.58 -13.46
C ALA B 326 -22.48 -1.39 -12.89
N VAL B 335 -22.62 -8.91 -14.99
CA VAL B 335 -23.95 -9.16 -14.38
C VAL B 335 -23.95 -9.07 -12.83
N LEU B 336 -25.11 -8.75 -12.26
CA LEU B 336 -25.26 -8.56 -10.81
C LEU B 336 -25.11 -9.78 -9.89
N ARG B 337 -24.57 -9.52 -8.70
CA ARG B 337 -24.37 -10.52 -7.69
C ARG B 337 -25.07 -10.08 -6.40
N PHE B 338 -25.80 -10.97 -5.73
CA PHE B 338 -26.24 -10.63 -4.40
C PHE B 338 -25.83 -11.63 -3.35
N VAL B 339 -25.58 -11.11 -2.17
CA VAL B 339 -25.52 -11.95 -1.03
C VAL B 339 -26.93 -12.19 -0.54
N VAL B 340 -27.29 -13.46 -0.40
CA VAL B 340 -28.59 -13.82 0.09
C VAL B 340 -28.43 -14.78 1.26
N LEU B 341 -29.47 -14.96 2.03
CA LEU B 341 -29.41 -15.87 3.14
C LEU B 341 -30.13 -17.14 2.74
N ASP B 342 -29.47 -18.25 2.96
CA ASP B 342 -29.99 -19.58 2.70
C ASP B 342 -30.48 -20.17 3.99
N GLY B 343 -30.78 -19.31 4.93
CA GLY B 343 -31.25 -19.67 6.23
C GLY B 343 -30.52 -18.69 7.10
N LEU B 344 -31.00 -18.49 8.32
CA LEU B 344 -30.32 -17.68 9.31
C LEU B 344 -28.83 -18.04 9.46
N ALA B 345 -27.99 -16.99 9.38
CA ALA B 345 -26.52 -17.10 9.39
C ALA B 345 -25.94 -18.11 8.41
N LYS B 346 -26.63 -18.33 7.30
CA LYS B 346 -26.05 -19.11 6.19
C LYS B 346 -26.11 -18.35 4.85
N PRO B 347 -25.17 -17.45 4.61
CA PRO B 347 -25.19 -16.68 3.40
C PRO B 347 -24.78 -17.49 2.15
N GLY B 348 -25.47 -17.24 1.04
CA GLY B 348 -25.10 -17.75 -0.24
C GLY B 348 -25.03 -16.62 -1.22
N ARG B 349 -25.03 -16.98 -2.49
CA ARG B 349 -24.94 -16.03 -3.58
C ARG B 349 -26.14 -16.18 -4.46
N MET B 350 -26.64 -15.08 -4.99
CA MET B 350 -27.34 -15.24 -6.25
C MET B 350 -26.79 -14.33 -7.34
N VAL B 351 -26.44 -15.00 -8.45
CA VAL B 351 -25.71 -14.43 -9.57
C VAL B 351 -26.63 -14.25 -10.76
N GLY B 352 -26.70 -13.04 -11.29
CA GLY B 352 -27.50 -12.71 -12.45
C GLY B 352 -28.95 -13.11 -12.34
N PRO B 353 -29.61 -12.78 -11.19
CA PRO B 353 -31.04 -13.12 -11.13
C PRO B 353 -31.88 -12.42 -12.23
N ASP B 354 -33.07 -12.93 -12.52
CA ASP B 354 -33.95 -12.35 -13.54
C ASP B 354 -34.36 -10.94 -13.10
N PRO B 355 -34.34 -9.95 -14.02
CA PRO B 355 -34.85 -8.60 -13.69
C PRO B 355 -36.26 -8.62 -13.08
N GLY B 356 -37.17 -9.40 -13.64
CA GLY B 356 -38.51 -9.48 -13.10
C GLY B 356 -38.54 -9.98 -11.67
N LEU B 357 -37.54 -10.76 -11.28
CA LEU B 357 -37.49 -11.24 -9.92
C LEU B 357 -37.05 -10.10 -9.06
N LEU B 358 -36.14 -9.26 -9.59
CA LEU B 358 -35.77 -8.04 -8.86
C LEU B 358 -36.96 -7.10 -8.76
N VAL B 359 -37.77 -6.99 -9.82
CA VAL B 359 -39.00 -6.20 -9.76
C VAL B 359 -39.94 -6.67 -8.65
N THR B 360 -40.28 -7.96 -8.70
CA THR B 360 -41.15 -8.55 -7.69
C THR B 360 -40.65 -8.34 -6.26
N ALA B 361 -39.38 -8.64 -5.98
CA ALA B 361 -38.81 -8.39 -4.64
C ALA B 361 -38.97 -6.92 -4.21
N TYR B 362 -38.74 -6.00 -5.15
CA TYR B 362 -38.82 -4.57 -4.89
C TYR B 362 -40.21 -4.10 -4.45
N ALA B 363 -41.21 -4.60 -5.14
CA ALA B 363 -42.63 -4.43 -4.82
C ALA B 363 -42.97 -4.77 -3.37
N GLY B 364 -42.83 -6.06 -3.04
CA GLY B 364 -42.87 -6.56 -1.65
C GLY B 364 -42.19 -5.69 -0.58
N VAL B 365 -41.09 -5.03 -0.93
CA VAL B 365 -40.37 -4.14 0.01
C VAL B 365 -41.04 -2.77 0.06
N CYS B 366 -41.33 -2.26 -1.13
CA CYS B 366 -41.70 -0.87 -1.35
C CYS B 366 -43.19 -0.74 -1.64
#